data_1BT0
# 
_entry.id   1BT0 
# 
_audit_conform.dict_name       mmcif_pdbx.dic 
_audit_conform.dict_version    5.375 
_audit_conform.dict_location   http://mmcif.pdb.org/dictionaries/ascii/mmcif_pdbx.dic 
# 
loop_
_database_2.database_id 
_database_2.database_code 
_database_2.pdbx_database_accession 
_database_2.pdbx_DOI 
PDB   1BT0         pdb_00001bt0 10.2210/pdb1bt0/pdb 
RCSB  RCSB008227   ?            ?                   
WWPDB D_1000008227 ?            ?                   
# 
_pdbx_database_status.status_code                     REL 
_pdbx_database_status.entry_id                        1BT0 
_pdbx_database_status.recvd_initial_deposition_date   1998-09-02 
_pdbx_database_status.deposit_site                    BNL 
_pdbx_database_status.process_site                    RCSB 
_pdbx_database_status.SG_entry                        . 
_pdbx_database_status.pdb_format_compatible           Y 
_pdbx_database_status.status_code_mr                  ? 
_pdbx_database_status.status_code_sf                  ? 
_pdbx_database_status.status_code_cs                  ? 
_pdbx_database_status.methods_development_category    ? 
_pdbx_database_status.status_code_nmr_data            ? 
# 
loop_
_audit_author.name 
_audit_author.pdbx_ordinal 
'Delacruz, W.P.' 1 
'Fisher, A.J.'   2 
# 
loop_
_citation.id 
_citation.title 
_citation.journal_abbrev 
_citation.journal_volume 
_citation.page_first 
_citation.page_last 
_citation.year 
_citation.journal_id_ASTM 
_citation.country 
_citation.journal_id_ISSN 
_citation.journal_id_CSD 
_citation.book_publisher 
_citation.pdbx_database_id_PubMed 
_citation.pdbx_database_id_DOI 
primary 
'The rub family of ubiquitin-like proteins. Crystal structure of Arabidopsis rub1 and expression of multiple rubs in Arabidopsis.' 
J.Biol.Chem. 273 34976 34982 1998 JBCHA3 US 0021-9258 0071 ? 9857029 10.1074/jbc.273.52.34976 
1       'Structure of Ubiquitin Refined at 1.8 Angstroms Resolution' J.Mol.Biol.  194 531   ?     1987 JMOBAK UK 0022-2836 0070 ? 
?       ?                        
# 
loop_
_citation_author.citation_id 
_citation_author.name 
_citation_author.ordinal 
_citation_author.identifier_ORCID 
primary 'Rao-Naik, C.'    1 ? 
primary 'delaCruz, W.'    2 ? 
primary 'Laplaza, J.M.'   3 ? 
primary 'Tan, S.'         4 ? 
primary 'Callis, J.'      5 ? 
primary 'Fisher, A.J.'    6 ? 
1       'Vijay-Kumar, S.' 7 ? 
1       'Bugg, C.E.'      8 ? 
1       'Cook, W.J.'      9 ? 
# 
_cell.entry_id           1BT0 
_cell.length_a           28.600 
_cell.length_b           35.600 
_cell.length_c           37.900 
_cell.angle_alpha        90.00 
_cell.angle_beta         102.80 
_cell.angle_gamma        90.00 
_cell.Z_PDB              2 
_cell.pdbx_unique_axis   ? 
# 
_symmetry.entry_id                         1BT0 
_symmetry.space_group_name_H-M             'P 1 21 1' 
_symmetry.pdbx_full_space_group_name_H-M   ? 
_symmetry.cell_setting                     ? 
_symmetry.Int_Tables_number                4 
# 
loop_
_entity.id 
_entity.type 
_entity.src_method 
_entity.pdbx_description 
_entity.formula_weight 
_entity.pdbx_number_of_molecules 
_entity.pdbx_ec 
_entity.pdbx_mutation 
_entity.pdbx_fragment 
_entity.details 
1 polymer     man 'PROTEIN (UBIQUITIN-LIKE PROTEIN 7, RUB1)' 8484.797 1  ? 'T1M, M2L, A60N' ? ? 
2 non-polymer syn 'ZINC ION'                                 65.409   2  ? ?                ? ? 
3 non-polymer syn 1,2-ETHANEDIOL                             62.068   3  ? ?                ? ? 
4 water       nat water                                      18.015   75 ? ?                ? ? 
# 
_entity_poly.entity_id                      1 
_entity_poly.type                           'polypeptide(L)' 
_entity_poly.nstd_linkage                   no 
_entity_poly.nstd_monomer                   no 
_entity_poly.pdbx_seq_one_letter_code       MLIKVKTLTGKEIEIDIEPTDTIDRIKERVEEKEGIPPVQQRLIYAGKQLADDKTAKDYNIEGGSVLHLVLALRGG 
_entity_poly.pdbx_seq_one_letter_code_can   MLIKVKTLTGKEIEIDIEPTDTIDRIKERVEEKEGIPPVQQRLIYAGKQLADDKTAKDYNIEGGSVLHLVLALRGG 
_entity_poly.pdbx_strand_id                 A 
_entity_poly.pdbx_target_identifier         ? 
# 
loop_
_entity_poly_seq.entity_id 
_entity_poly_seq.num 
_entity_poly_seq.mon_id 
_entity_poly_seq.hetero 
1 1  MET n 
1 2  LEU n 
1 3  ILE n 
1 4  LYS n 
1 5  VAL n 
1 6  LYS n 
1 7  THR n 
1 8  LEU n 
1 9  THR n 
1 10 GLY n 
1 11 LYS n 
1 12 GLU n 
1 13 ILE n 
1 14 GLU n 
1 15 ILE n 
1 16 ASP n 
1 17 ILE n 
1 18 GLU n 
1 19 PRO n 
1 20 THR n 
1 21 ASP n 
1 22 THR n 
1 23 ILE n 
1 24 ASP n 
1 25 ARG n 
1 26 ILE n 
1 27 LYS n 
1 28 GLU n 
1 29 ARG n 
1 30 VAL n 
1 31 GLU n 
1 32 GLU n 
1 33 LYS n 
1 34 GLU n 
1 35 GLY n 
1 36 ILE n 
1 37 PRO n 
1 38 PRO n 
1 39 VAL n 
1 40 GLN n 
1 41 GLN n 
1 42 ARG n 
1 43 LEU n 
1 44 ILE n 
1 45 TYR n 
1 46 ALA n 
1 47 GLY n 
1 48 LYS n 
1 49 GLN n 
1 50 LEU n 
1 51 ALA n 
1 52 ASP n 
1 53 ASP n 
1 54 LYS n 
1 55 THR n 
1 56 ALA n 
1 57 LYS n 
1 58 ASP n 
1 59 TYR n 
1 60 ASN n 
1 61 ILE n 
1 62 GLU n 
1 63 GLY n 
1 64 GLY n 
1 65 SER n 
1 66 VAL n 
1 67 LEU n 
1 68 HIS n 
1 69 LEU n 
1 70 VAL n 
1 71 LEU n 
1 72 ALA n 
1 73 LEU n 
1 74 ARG n 
1 75 GLY n 
1 76 GLY n 
# 
_entity_src_gen.entity_id                          1 
_entity_src_gen.pdbx_src_id                        1 
_entity_src_gen.pdbx_alt_source_flag               sample 
_entity_src_gen.pdbx_seq_type                      ? 
_entity_src_gen.pdbx_beg_seq_num                   ? 
_entity_src_gen.pdbx_end_seq_num                   ? 
_entity_src_gen.gene_src_common_name               'thale cress' 
_entity_src_gen.gene_src_genus                     Arabidopsis 
_entity_src_gen.pdbx_gene_src_gene                 ? 
_entity_src_gen.gene_src_species                   ? 
_entity_src_gen.gene_src_strain                    ? 
_entity_src_gen.gene_src_tissue                    ? 
_entity_src_gen.gene_src_tissue_fraction           ? 
_entity_src_gen.gene_src_details                   ? 
_entity_src_gen.pdbx_gene_src_fragment             ? 
_entity_src_gen.pdbx_gene_src_scientific_name      'Arabidopsis thaliana' 
_entity_src_gen.pdbx_gene_src_ncbi_taxonomy_id     3702 
_entity_src_gen.pdbx_gene_src_variant              ? 
_entity_src_gen.pdbx_gene_src_cell_line            ? 
_entity_src_gen.pdbx_gene_src_atcc                 ? 
_entity_src_gen.pdbx_gene_src_organ                ? 
_entity_src_gen.pdbx_gene_src_organelle            ? 
_entity_src_gen.pdbx_gene_src_cell                 ? 
_entity_src_gen.pdbx_gene_src_cellular_location    ? 
_entity_src_gen.host_org_common_name               ? 
_entity_src_gen.pdbx_host_org_scientific_name      'Escherichia coli' 
_entity_src_gen.pdbx_host_org_ncbi_taxonomy_id     562 
_entity_src_gen.host_org_genus                     Escherichia 
_entity_src_gen.pdbx_host_org_gene                 ? 
_entity_src_gen.pdbx_host_org_organ                ? 
_entity_src_gen.host_org_species                   ? 
_entity_src_gen.pdbx_host_org_tissue               ? 
_entity_src_gen.pdbx_host_org_tissue_fraction      ? 
_entity_src_gen.pdbx_host_org_strain               ? 
_entity_src_gen.pdbx_host_org_variant              ? 
_entity_src_gen.pdbx_host_org_cell_line            ? 
_entity_src_gen.pdbx_host_org_atcc                 ? 
_entity_src_gen.pdbx_host_org_culture_collection   ? 
_entity_src_gen.pdbx_host_org_cell                 ? 
_entity_src_gen.pdbx_host_org_organelle            ? 
_entity_src_gen.pdbx_host_org_cellular_location    ? 
_entity_src_gen.pdbx_host_org_vector_type          ? 
_entity_src_gen.pdbx_host_org_vector               ? 
_entity_src_gen.host_org_details                   ? 
_entity_src_gen.expression_system_id               ? 
_entity_src_gen.plasmid_name                       ? 
_entity_src_gen.plasmid_details                    ? 
_entity_src_gen.pdbx_description                   ? 
# 
_struct_ref.id                         1 
_struct_ref.db_name                    UNP 
_struct_ref.db_code                    RUB1_ARATH 
_struct_ref.entity_id                  1 
_struct_ref.pdbx_db_accession          Q9SHE7 
_struct_ref.pdbx_db_isoform            ? 
_struct_ref.pdbx_seq_one_letter_code   ? 
_struct_ref.pdbx_align_begin           ? 
# 
_struct_ref_seq.align_id                      1 
_struct_ref_seq.ref_id                        1 
_struct_ref_seq.pdbx_PDB_id_code              1BT0 
_struct_ref_seq.pdbx_strand_id                A 
_struct_ref_seq.seq_align_beg                 1 
_struct_ref_seq.pdbx_seq_align_beg_ins_code   ? 
_struct_ref_seq.seq_align_end                 76 
_struct_ref_seq.pdbx_seq_align_end_ins_code   ? 
_struct_ref_seq.pdbx_db_accession             Q9SHE7 
_struct_ref_seq.db_align_beg                  77 
_struct_ref_seq.pdbx_db_align_beg_ins_code    ? 
_struct_ref_seq.db_align_end                  152 
_struct_ref_seq.pdbx_db_align_end_ins_code    ? 
_struct_ref_seq.pdbx_auth_seq_align_beg       1 
_struct_ref_seq.pdbx_auth_seq_align_end       76 
# 
loop_
_struct_ref_seq_dif.align_id 
_struct_ref_seq_dif.pdbx_pdb_id_code 
_struct_ref_seq_dif.mon_id 
_struct_ref_seq_dif.pdbx_pdb_strand_id 
_struct_ref_seq_dif.seq_num 
_struct_ref_seq_dif.pdbx_pdb_ins_code 
_struct_ref_seq_dif.pdbx_seq_db_name 
_struct_ref_seq_dif.pdbx_seq_db_accession_code 
_struct_ref_seq_dif.db_mon_id 
_struct_ref_seq_dif.pdbx_seq_db_seq_num 
_struct_ref_seq_dif.details 
_struct_ref_seq_dif.pdbx_auth_seq_num 
_struct_ref_seq_dif.pdbx_ordinal 
1 1BT0 MET A 1  ? UNP Q9SHE7 THR 77  'engineered mutation' 1  1 
1 1BT0 LEU A 2  ? UNP Q9SHE7 MET 78  'engineered mutation' 2  2 
1 1BT0 ASN A 60 ? UNP Q9SHE7 ALA 136 'engineered mutation' 60 3 
# 
loop_
_chem_comp.id 
_chem_comp.type 
_chem_comp.mon_nstd_flag 
_chem_comp.name 
_chem_comp.pdbx_synonyms 
_chem_comp.formula 
_chem_comp.formula_weight 
ALA 'L-peptide linking' y ALANINE         ?                 'C3 H7 N O2'     89.093  
ARG 'L-peptide linking' y ARGININE        ?                 'C6 H15 N4 O2 1' 175.209 
ASN 'L-peptide linking' y ASPARAGINE      ?                 'C4 H8 N2 O3'    132.118 
ASP 'L-peptide linking' y 'ASPARTIC ACID' ?                 'C4 H7 N O4'     133.103 
EDO non-polymer         . 1,2-ETHANEDIOL  'ETHYLENE GLYCOL' 'C2 H6 O2'       62.068  
GLN 'L-peptide linking' y GLUTAMINE       ?                 'C5 H10 N2 O3'   146.144 
GLU 'L-peptide linking' y 'GLUTAMIC ACID' ?                 'C5 H9 N O4'     147.129 
GLY 'peptide linking'   y GLYCINE         ?                 'C2 H5 N O2'     75.067  
HIS 'L-peptide linking' y HISTIDINE       ?                 'C6 H10 N3 O2 1' 156.162 
HOH non-polymer         . WATER           ?                 'H2 O'           18.015  
ILE 'L-peptide linking' y ISOLEUCINE      ?                 'C6 H13 N O2'    131.173 
LEU 'L-peptide linking' y LEUCINE         ?                 'C6 H13 N O2'    131.173 
LYS 'L-peptide linking' y LYSINE          ?                 'C6 H15 N2 O2 1' 147.195 
MET 'L-peptide linking' y METHIONINE      ?                 'C5 H11 N O2 S'  149.211 
PRO 'L-peptide linking' y PROLINE         ?                 'C5 H9 N O2'     115.130 
SER 'L-peptide linking' y SERINE          ?                 'C3 H7 N O3'     105.093 
THR 'L-peptide linking' y THREONINE       ?                 'C4 H9 N O3'     119.119 
TYR 'L-peptide linking' y TYROSINE        ?                 'C9 H11 N O3'    181.189 
VAL 'L-peptide linking' y VALINE          ?                 'C5 H11 N O2'    117.146 
ZN  non-polymer         . 'ZINC ION'      ?                 'Zn 2'           65.409  
# 
_exptl.entry_id          1BT0 
_exptl.method            'X-RAY DIFFRACTION' 
_exptl.crystals_number   1 
# 
_exptl_crystal.id                    1 
_exptl_crystal.density_meas          ? 
_exptl_crystal.density_Matthews      2.22 
_exptl_crystal.density_percent_sol   46.0 
_exptl_crystal.description           ? 
# 
_exptl_crystal_grow.crystal_id      1 
_exptl_crystal_grow.method          ? 
_exptl_crystal_grow.temp            ? 
_exptl_crystal_grow.temp_details    ? 
_exptl_crystal_grow.pH              6.5 
_exptl_crystal_grow.pdbx_details    'pH 6.5' 
_exptl_crystal_grow.pdbx_pH_range   . 
# 
_diffrn.id                     1 
_diffrn.ambient_temp           100 
_diffrn.ambient_temp_details   ? 
_diffrn.crystal_id             1 
# 
_diffrn_detector.diffrn_id              1 
_diffrn_detector.detector               'AREA DETECTOR' 
_diffrn_detector.type                   SIEMENS 
_diffrn_detector.pdbx_collection_date   1997-08-15 
_diffrn_detector.details                ? 
# 
_diffrn_radiation.diffrn_id                        1 
_diffrn_radiation.wavelength_id                    1 
_diffrn_radiation.pdbx_monochromatic_or_laue_m_l   M 
_diffrn_radiation.monochromator                    ? 
_diffrn_radiation.pdbx_diffrn_protocol             'SINGLE WAVELENGTH' 
_diffrn_radiation.pdbx_scattering_type             x-ray 
# 
_diffrn_radiation_wavelength.id           1 
_diffrn_radiation_wavelength.wavelength   1.5418 
_diffrn_radiation_wavelength.wt           1.0 
# 
_diffrn_source.diffrn_id                   1 
_diffrn_source.source                      'ROTATING ANODE' 
_diffrn_source.type                        RIGAKU 
_diffrn_source.pdbx_synchrotron_site       ? 
_diffrn_source.pdbx_synchrotron_beamline   ? 
_diffrn_source.pdbx_wavelength             1.5418 
_diffrn_source.pdbx_wavelength_list        ? 
# 
_reflns.entry_id                     1BT0 
_reflns.observed_criterion_sigma_I   0.0 
_reflns.observed_criterion_sigma_F   ? 
_reflns.d_resolution_low             30.0 
_reflns.d_resolution_high            1.7 
_reflns.number_obs                   7919 
_reflns.number_all                   ? 
_reflns.percent_possible_obs         95.0 
_reflns.pdbx_Rmerge_I_obs            0.0510000 
_reflns.pdbx_Rsym_value              ? 
_reflns.pdbx_netI_over_sigmaI        ? 
_reflns.B_iso_Wilson_estimate        ? 
_reflns.pdbx_redundancy              2.9 
_reflns.R_free_details               ? 
_reflns.limit_h_max                  ? 
_reflns.limit_h_min                  ? 
_reflns.limit_k_max                  ? 
_reflns.limit_k_min                  ? 
_reflns.limit_l_max                  ? 
_reflns.limit_l_min                  ? 
_reflns.observed_criterion_F_max     ? 
_reflns.observed_criterion_F_min     ? 
_reflns.pdbx_diffrn_id               1 
_reflns.pdbx_ordinal                 1 
# 
_refine.entry_id                                 1BT0 
_refine.ls_number_reflns_obs                     7919 
_refine.ls_number_reflns_all                     7919 
_refine.pdbx_ls_sigma_I                          ? 
_refine.pdbx_ls_sigma_F                          0.0 
_refine.pdbx_data_cutoff_high_absF               ? 
_refine.pdbx_data_cutoff_low_absF                ? 
_refine.pdbx_data_cutoff_high_rms_absF           ? 
_refine.ls_d_res_low                             30.00 
_refine.ls_d_res_high                            1.70 
_refine.ls_percent_reflns_obs                    95.0 
_refine.ls_R_factor_obs                          ? 
_refine.ls_R_factor_all                          ? 
_refine.ls_R_factor_R_work                       ? 
_refine.ls_R_factor_R_free                       ? 
_refine.ls_R_factor_R_free_error                 ? 
_refine.ls_R_factor_R_free_error_details         ? 
_refine.ls_percent_reflns_R_free                 ? 
_refine.ls_number_reflns_R_free                  ? 
_refine.ls_number_parameters                     ? 
_refine.ls_number_restraints                     ? 
_refine.occupancy_min                            ? 
_refine.occupancy_max                            ? 
_refine.B_iso_mean                               ? 
_refine.aniso_B[1][1]                            ? 
_refine.aniso_B[2][2]                            ? 
_refine.aniso_B[3][3]                            ? 
_refine.aniso_B[1][2]                            ? 
_refine.aniso_B[1][3]                            ? 
_refine.aniso_B[2][3]                            ? 
_refine.solvent_model_details                    TNT 
_refine.solvent_model_param_ksol                 1.018 
_refine.solvent_model_param_bsol                 461.0 
_refine.pdbx_ls_cross_valid_method               ? 
_refine.details                                  ? 
_refine.pdbx_starting_model                      'PDB ENTRY 1UBI WITH NON-CONSERVED RESIDUES TRUNCATED INTO ALANINE' 
_refine.pdbx_method_to_determine_struct          'MOLECULAR REPLACEMENT' 
_refine.pdbx_isotropic_thermal_model             ? 
_refine.pdbx_stereochemistry_target_values       'TNT PROTGEO' 
_refine.pdbx_stereochem_target_val_spec_case     ? 
_refine.pdbx_R_Free_selection_details            ? 
_refine.pdbx_overall_ESU_R                       ? 
_refine.pdbx_overall_ESU_R_Free                  ? 
_refine.overall_SU_ML                            ? 
_refine.overall_SU_B                             ? 
_refine.ls_redundancy_reflns_obs                 ? 
_refine.B_iso_min                                ? 
_refine.B_iso_max                                ? 
_refine.pdbx_refine_id                           'X-RAY DIFFRACTION' 
_refine.pdbx_diffrn_id                           1 
_refine.pdbx_TLS_residual_ADP_flag               ? 
_refine.correlation_coeff_Fo_to_Fc               ? 
_refine.correlation_coeff_Fo_to_Fc_free          ? 
_refine.pdbx_solvent_vdw_probe_radii             ? 
_refine.pdbx_solvent_ion_probe_radii             ? 
_refine.pdbx_solvent_shrinkage_radii             ? 
_refine.pdbx_overall_phase_error                 ? 
_refine.overall_SU_R_Cruickshank_DPI             ? 
_refine.pdbx_overall_SU_R_free_Cruickshank_DPI   ? 
_refine.pdbx_overall_SU_R_Blow_DPI               ? 
_refine.pdbx_overall_SU_R_free_Blow_DPI          ? 
# 
_refine_hist.pdbx_refine_id                   'X-RAY DIFFRACTION' 
_refine_hist.cycle_id                         LAST 
_refine_hist.pdbx_number_atoms_protein        572 
_refine_hist.pdbx_number_atoms_nucleic_acid   0 
_refine_hist.pdbx_number_atoms_ligand         14 
_refine_hist.number_atoms_solvent             75 
_refine_hist.number_atoms_total               661 
_refine_hist.d_res_high                       1.70 
_refine_hist.d_res_low                        30.00 
# 
loop_
_refine_ls_restr.type 
_refine_ls_restr.dev_ideal 
_refine_ls_restr.dev_ideal_target 
_refine_ls_restr.weight 
_refine_ls_restr.number 
_refine_ls_restr.pdbx_refine_id 
_refine_ls_restr.pdbx_restraint_function 
t_bond_d           0.015 ? ? ? 'X-RAY DIFFRACTION' ? 
t_angle_deg        2.325 ? ? ? 'X-RAY DIFFRACTION' ? 
t_dihedral_angle_d 16.00 ? ? ? 'X-RAY DIFFRACTION' ? 
t_incorr_chiral_ct ?     ? ? ? 'X-RAY DIFFRACTION' ? 
t_pseud_angle      ?     ? ? ? 'X-RAY DIFFRACTION' ? 
t_trig_c_planes    0.008 ? ? ? 'X-RAY DIFFRACTION' ? 
t_gen_planes       0.017 ? ? ? 'X-RAY DIFFRACTION' ? 
t_it               ?     ? ? ? 'X-RAY DIFFRACTION' ? 
t_nbd              ?     ? ? ? 'X-RAY DIFFRACTION' ? 
# 
_pdbx_refine.entry_id                                    1BT0 
_pdbx_refine.R_factor_all_no_cutoff                      ? 
_pdbx_refine.R_factor_obs_no_cutoff                      0.1800000 
_pdbx_refine.free_R_factor_no_cutoff                     0.2460000 
_pdbx_refine.free_R_val_test_set_size_perc_no_cutoff     5.0 
_pdbx_refine.free_R_val_test_set_ct_no_cutoff            ? 
_pdbx_refine.R_factor_all_4sig_cutoff                    ? 
_pdbx_refine.R_factor_obs_4sig_cutoff                    ? 
_pdbx_refine.free_R_factor_4sig_cutoff                   ? 
_pdbx_refine.free_R_val_test_set_size_perc_4sig_cutoff   ? 
_pdbx_refine.free_R_val_test_set_ct_4sig_cutoff          ? 
_pdbx_refine.number_reflns_obs_4sig_cutoff               ? 
_pdbx_refine.number_reflns_obs_no_cutoff                 ? 
_pdbx_refine.pdbx_refine_id                              'X-RAY DIFFRACTION' 
_pdbx_refine.free_R_error_no_cutoff                      ? 
# 
_struct.entry_id                  1BT0 
_struct.title                     'STRUCTURE OF UBIQUITIN-LIKE PROTEIN, RUB1' 
_struct.pdbx_model_details        ? 
_struct.pdbx_CASP_flag            ? 
_struct.pdbx_model_type_details   ? 
# 
_struct_keywords.entry_id        1BT0 
_struct_keywords.pdbx_keywords   'SIGNALING PROTEIN' 
_struct_keywords.text            'RUB1, UBIQUITIN-LIKE PROTEIN, ARABIDOPSIS, SIGNALING PROTEIN' 
# 
loop_
_struct_asym.id 
_struct_asym.pdbx_blank_PDB_chainid_flag 
_struct_asym.pdbx_modified 
_struct_asym.entity_id 
_struct_asym.details 
A N N 1 ? 
B N N 2 ? 
C N N 2 ? 
D N N 3 ? 
E N N 3 ? 
F N N 3 ? 
G N N 4 ? 
# 
_struct_biol.id   1 
# 
loop_
_struct_conf.conf_type_id 
_struct_conf.id 
_struct_conf.pdbx_PDB_helix_id 
_struct_conf.beg_label_comp_id 
_struct_conf.beg_label_asym_id 
_struct_conf.beg_label_seq_id 
_struct_conf.pdbx_beg_PDB_ins_code 
_struct_conf.end_label_comp_id 
_struct_conf.end_label_asym_id 
_struct_conf.end_label_seq_id 
_struct_conf.pdbx_end_PDB_ins_code 
_struct_conf.beg_auth_comp_id 
_struct_conf.beg_auth_asym_id 
_struct_conf.beg_auth_seq_id 
_struct_conf.end_auth_comp_id 
_struct_conf.end_auth_asym_id 
_struct_conf.end_auth_seq_id 
_struct_conf.pdbx_PDB_helix_class 
_struct_conf.details 
_struct_conf.pdbx_PDB_helix_length 
HELX_P HELX_P1 H1 ILE A 23 ? GLU A 34 ? ILE A 23 GLU A 34 1 ? 12 
HELX_P HELX_P2 H2 ALA A 56 ? TYR A 59 ? ALA A 56 TYR A 59 5 ? 4  
# 
_struct_conf_type.id          HELX_P 
_struct_conf_type.criteria    ? 
_struct_conf_type.reference   ? 
# 
loop_
_struct_conn.id 
_struct_conn.conn_type_id 
_struct_conn.pdbx_leaving_atom_flag 
_struct_conn.pdbx_PDB_id 
_struct_conn.ptnr1_label_asym_id 
_struct_conn.ptnr1_label_comp_id 
_struct_conn.ptnr1_label_seq_id 
_struct_conn.ptnr1_label_atom_id 
_struct_conn.pdbx_ptnr1_label_alt_id 
_struct_conn.pdbx_ptnr1_PDB_ins_code 
_struct_conn.pdbx_ptnr1_standard_comp_id 
_struct_conn.ptnr1_symmetry 
_struct_conn.ptnr2_label_asym_id 
_struct_conn.ptnr2_label_comp_id 
_struct_conn.ptnr2_label_seq_id 
_struct_conn.ptnr2_label_atom_id 
_struct_conn.pdbx_ptnr2_label_alt_id 
_struct_conn.pdbx_ptnr2_PDB_ins_code 
_struct_conn.ptnr1_auth_asym_id 
_struct_conn.ptnr1_auth_comp_id 
_struct_conn.ptnr1_auth_seq_id 
_struct_conn.ptnr2_auth_asym_id 
_struct_conn.ptnr2_auth_comp_id 
_struct_conn.ptnr2_auth_seq_id 
_struct_conn.ptnr2_symmetry 
_struct_conn.pdbx_ptnr3_label_atom_id 
_struct_conn.pdbx_ptnr3_label_seq_id 
_struct_conn.pdbx_ptnr3_label_comp_id 
_struct_conn.pdbx_ptnr3_label_asym_id 
_struct_conn.pdbx_ptnr3_label_alt_id 
_struct_conn.pdbx_ptnr3_PDB_ins_code 
_struct_conn.details 
_struct_conn.pdbx_dist_value 
_struct_conn.pdbx_value_order 
_struct_conn.pdbx_role 
metalc1 metalc ? ? A MET 1  N   ? ? ? 1_555 B ZN . ZN ? ? A MET 1   A ZN 201 1_555 ? ? ? ? ? ? ? 2.127 ? ? 
metalc2 metalc ? ? A ASP 16 OD1 ? ? ? 1_555 B ZN . ZN ? ? A ASP 16  A ZN 201 1_555 ? ? ? ? ? ? ? 1.937 ? ? 
metalc3 metalc ? ? A HIS 68 NE2 ? ? ? 1_555 C ZN . ZN ? ? A HIS 68  A ZN 202 1_555 ? ? ? ? ? ? ? 2.136 ? ? 
metalc4 metalc ? ? G HOH .  O   ? ? ? 1_555 C ZN . ZN ? ? A HOH 141 A ZN 202 1_555 ? ? ? ? ? ? ? 1.733 ? ? 
metalc5 metalc ? ? G HOH .  O   ? ? ? 1_555 C ZN . ZN ? ? A HOH 153 A ZN 202 1_555 ? ? ? ? ? ? ? 1.892 ? ? 
# 
_struct_conn_type.id          metalc 
_struct_conn_type.criteria    ? 
_struct_conn_type.reference   ? 
# 
loop_
_struct_sheet.id 
_struct_sheet.type 
_struct_sheet.number_strands 
_struct_sheet.details 
S1 ? 1 ? 
S2 ? 1 ? 
S3 ? 1 ? 
S4 ? 1 ? 
S5 ? 1 ? 
# 
loop_
_struct_sheet_range.sheet_id 
_struct_sheet_range.id 
_struct_sheet_range.beg_label_comp_id 
_struct_sheet_range.beg_label_asym_id 
_struct_sheet_range.beg_label_seq_id 
_struct_sheet_range.pdbx_beg_PDB_ins_code 
_struct_sheet_range.end_label_comp_id 
_struct_sheet_range.end_label_asym_id 
_struct_sheet_range.end_label_seq_id 
_struct_sheet_range.pdbx_end_PDB_ins_code 
_struct_sheet_range.beg_auth_comp_id 
_struct_sheet_range.beg_auth_asym_id 
_struct_sheet_range.beg_auth_seq_id 
_struct_sheet_range.end_auth_comp_id 
_struct_sheet_range.end_auth_asym_id 
_struct_sheet_range.end_auth_seq_id 
S1 1 MET A 1  ? THR A 7  ? MET A 1  THR A 7  
S2 1 GLY A 10 ? ILE A 17 ? GLY A 10 ILE A 17 
S3 1 GLN A 40 ? TYR A 45 ? GLN A 40 TYR A 45 
S4 1 LYS A 48 ? LEU A 50 ? LYS A 48 LEU A 50 
S5 1 GLY A 64 ? ALA A 72 ? GLY A 64 ALA A 72 
# 
loop_
_struct_site.id 
_struct_site.pdbx_evidence_code 
_struct_site.pdbx_auth_asym_id 
_struct_site.pdbx_auth_comp_id 
_struct_site.pdbx_auth_seq_id 
_struct_site.pdbx_auth_ins_code 
_struct_site.pdbx_num_residues 
_struct_site.details 
AC1 Software A ZN  201 ? 2 'BINDING SITE FOR RESIDUE ZN A 201'  
AC2 Software A ZN  202 ? 3 'BINDING SITE FOR RESIDUE ZN A 202'  
AC3 Software A EDO 301 ? 5 'BINDING SITE FOR RESIDUE EDO A 301' 
AC4 Software A EDO 302 ? 2 'BINDING SITE FOR RESIDUE EDO A 302' 
AC5 Software A EDO 303 ? 4 'BINDING SITE FOR RESIDUE EDO A 303' 
# 
loop_
_struct_site_gen.id 
_struct_site_gen.site_id 
_struct_site_gen.pdbx_num_res 
_struct_site_gen.label_comp_id 
_struct_site_gen.label_asym_id 
_struct_site_gen.label_seq_id 
_struct_site_gen.pdbx_auth_ins_code 
_struct_site_gen.auth_comp_id 
_struct_site_gen.auth_asym_id 
_struct_site_gen.auth_seq_id 
_struct_site_gen.label_atom_id 
_struct_site_gen.label_alt_id 
_struct_site_gen.symmetry 
_struct_site_gen.details 
1  AC1 2 MET A 1  ? MET A 1   . ? 1_555 ? 
2  AC1 2 ASP A 16 ? ASP A 16  . ? 1_555 ? 
3  AC2 3 HIS A 68 ? HIS A 68  . ? 1_555 ? 
4  AC2 3 HOH G .  ? HOH A 141 . ? 1_555 ? 
5  AC2 3 HOH G .  ? HOH A 153 . ? 1_555 ? 
6  AC3 5 GLU A 12 ? GLU A 12  . ? 1_555 ? 
7  AC3 5 GLU A 14 ? GLU A 14  . ? 1_555 ? 
8  AC3 5 LYS A 33 ? LYS A 33  . ? 1_555 ? 
9  AC3 5 HOH G .  ? HOH A 111 . ? 1_555 ? 
10 AC3 5 HOH G .  ? HOH A 162 . ? 1_555 ? 
11 AC4 2 GLU A 31 ? GLU A 31  . ? 1_555 ? 
12 AC4 2 HOH G .  ? HOH A 156 . ? 1_555 ? 
13 AC5 4 LYS A 4  ? LYS A 4   . ? 1_555 ? 
14 AC5 4 GLY A 64 ? GLY A 64  . ? 1_555 ? 
15 AC5 4 VAL A 66 ? VAL A 66  . ? 1_555 ? 
16 AC5 4 HOH G .  ? HOH A 140 . ? 1_555 ? 
# 
_atom_sites.entry_id                    1BT0 
_atom_sites.fract_transf_matrix[1][1]   0.02304459 
_atom_sites.fract_transf_matrix[1][2]   -0.00420553 
_atom_sites.fract_transf_matrix[1][3]   0.02714625 
_atom_sites.fract_transf_matrix[2][1]   0.00663781 
_atom_sites.fract_transf_matrix[2][2]   0.02725791 
_atom_sites.fract_transf_matrix[2][3]   -0.00141205 
_atom_sites.fract_transf_matrix[3][1]   -0.01537610 
_atom_sites.fract_transf_matrix[3][2]   0.00486982 
_atom_sites.fract_transf_matrix[3][3]   0.02172546 
_atom_sites.fract_transf_vector[1]      0.306908 
_atom_sites.fract_transf_vector[2]      0.013536 
_atom_sites.fract_transf_vector[3]      0.194841 
# 
loop_
_atom_type.symbol 
C  
N  
O  
S  
ZN 
# 
loop_
_atom_site.group_PDB 
_atom_site.id 
_atom_site.type_symbol 
_atom_site.label_atom_id 
_atom_site.label_alt_id 
_atom_site.label_comp_id 
_atom_site.label_asym_id 
_atom_site.label_entity_id 
_atom_site.label_seq_id 
_atom_site.pdbx_PDB_ins_code 
_atom_site.Cartn_x 
_atom_site.Cartn_y 
_atom_site.Cartn_z 
_atom_site.occupancy 
_atom_site.B_iso_or_equiv 
_atom_site.pdbx_formal_charge 
_atom_site.auth_seq_id 
_atom_site.auth_comp_id 
_atom_site.auth_asym_id 
_atom_site.auth_atom_id 
_atom_site.pdbx_PDB_model_num 
ATOM   1   N  N   . MET A 1 1  ? 6.857   -10.607 0.800   1.00 19.03  ? 1   MET A N   1 
ATOM   2   C  CA  . MET A 1 1  ? 6.489   -10.494 -0.620  1.00 19.10  ? 1   MET A CA  1 
ATOM   3   C  C   . MET A 1 1  ? 6.574   -9.047  -1.128  1.00 15.81  ? 1   MET A C   1 
ATOM   4   O  O   . MET A 1 1  ? 6.096   -8.078  -0.526  1.00 9.75   ? 1   MET A O   1 
ATOM   5   C  CB  . MET A 1 1  ? 5.110   -11.062 -0.940  1.00 23.62  ? 1   MET A CB  1 
ATOM   6   C  CG  . MET A 1 1  ? 3.998   -10.318 -0.290  1.00 22.10  ? 1   MET A CG  1 
ATOM   7   S  SD  . MET A 1 1  ? 2.336   -11.158 -0.370  1.00 29.05  ? 1   MET A SD  1 
ATOM   8   C  CE  . MET A 1 1  ? 1.641   -10.116 0.942   1.00 28.23  ? 1   MET A CE  1 
ATOM   9   N  N   . LEU A 1 2  ? 7.180   -8.938  -2.282  1.00 10.06  ? 2   LEU A N   1 
ATOM   10  C  CA  . LEU A 1 2  ? 7.393   -7.625  -2.848  1.00 10.04  ? 2   LEU A CA  1 
ATOM   11  C  C   . LEU A 1 2  ? 6.198   -7.197  -3.705  1.00 14.13  ? 2   LEU A C   1 
ATOM   12  O  O   . LEU A 1 2  ? 5.798   -7.877  -4.672  1.00 10.06  ? 2   LEU A O   1 
ATOM   13  C  CB  . LEU A 1 2  ? 8.709   -7.663  -3.646  1.00 9.70   ? 2   LEU A CB  1 
ATOM   14  C  CG  . LEU A 1 2  ? 9.215   -6.276  -4.156  1.00 10.47  ? 2   LEU A CG  1 
ATOM   15  C  CD1 . LEU A 1 2  ? 9.901   -5.446  -3.100  1.00 9.93   ? 2   LEU A CD1 1 
ATOM   16  C  CD2 . LEU A 1 2  ? 10.057  -6.558  -5.377  1.00 11.39  ? 2   LEU A CD2 1 
ATOM   17  N  N   . ILE A 1 3  ? 5.661   -6.018  -3.381  1.00 7.97   ? 3   ILE A N   1 
ATOM   18  C  CA  . ILE A 1 3  ? 4.512   -5.433  -4.131  1.00 10.81  ? 3   ILE A CA  1 
ATOM   19  C  C   . ILE A 1 3  ? 4.889   -4.084  -4.829  1.00 14.78  ? 3   ILE A C   1 
ATOM   20  O  O   . ILE A 1 3  ? 5.969   -3.575  -4.568  1.00 10.85  ? 3   ILE A O   1 
ATOM   21  C  CB  . ILE A 1 3  ? 3.310   -5.220  -3.156  1.00 8.96   ? 3   ILE A CB  1 
ATOM   22  C  CG1 . ILE A 1 3  ? 3.491   -4.113  -2.078  1.00 7.23   ? 3   ILE A CG1 1 
ATOM   23  C  CG2 . ILE A 1 3  ? 2.824   -6.599  -2.627  1.00 8.60   ? 3   ILE A CG2 1 
ATOM   24  C  CD1 . ILE A 1 3  ? 2.211   -3.970  -1.266  1.00 17.57  ? 3   ILE A CD1 1 
ATOM   25  N  N   . LYS A 1 4  ? 4.076   -3.556  -5.753  1.00 10.20  ? 4   LYS A N   1 
ATOM   26  C  CA  . LYS A 1 4  ? 4.353   -2.259  -6.396  1.00 5.33   ? 4   LYS A CA  1 
ATOM   27  C  C   . LYS A 1 4  ? 3.229   -1.297  -5.996  1.00 9.18   ? 4   LYS A C   1 
ATOM   28  O  O   . LYS A 1 4  ? 2.045   -1.645  -6.020  1.00 9.15   ? 4   LYS A O   1 
ATOM   29  C  CB  . LYS A 1 4  ? 4.386   -2.470  -7.912  1.00 8.55   ? 4   LYS A CB  1 
ATOM   30  C  CG  . LYS A 1 4  ? 4.490   -1.172  -8.690  1.00 46.18  ? 4   LYS A CG  1 
ATOM   31  C  CD  . LYS A 1 4  ? 4.561   -1.502  -10.179 1.00 30.58  ? 4   LYS A CD  1 
ATOM   32  C  CE  . LYS A 1 4  ? 5.787   -2.374  -10.424 1.00 38.36  ? 4   LYS A CE  1 
ATOM   33  N  NZ  . LYS A 1 4  ? 6.246   -2.158  -11.831 1.00 50.22  ? 4   LYS A NZ  1 
ATOM   34  N  N   . VAL A 1 5  ? 3.564   -0.043  -5.690  1.00 5.29   ? 5   VAL A N   1 
ATOM   35  C  CA  . VAL A 1 5  ? 2.549   0.960   -5.348  1.00 5.04   ? 5   VAL A CA  1 
ATOM   36  C  C   . VAL A 1 5  ? 2.732   2.095   -6.397  1.00 9.58   ? 5   VAL A C   1 
ATOM   37  O  O   . VAL A 1 5  ? 3.737   2.810   -6.422  1.00 12.04  ? 5   VAL A O   1 
ATOM   38  C  CB  . VAL A 1 5  ? 2.769   1.457   -3.911  1.00 10.09  ? 5   VAL A CB  1 
ATOM   39  C  CG1 . VAL A 1 5  ? 1.692   2.548   -3.573  1.00 9.61   ? 5   VAL A CG1 1 
ATOM   40  C  CG2 . VAL A 1 5  ? 2.648   0.314   -2.800  1.00 7.57   ? 5   VAL A CG2 1 
ATOM   41  N  N   . LYS A 1 6  ? 1.767   2.251   -7.286  1.00 6.20   ? 6   LYS A N   1 
ATOM   42  C  CA  . LYS A 1 6  ? 1.824   3.259   -8.325  1.00 13.78  ? 6   LYS A CA  1 
ATOM   43  C  C   . LYS A 1 6  ? 1.160   4.591   -7.850  1.00 8.03   ? 6   LYS A C   1 
ATOM   44  O  O   . LYS A 1 6  ? 0.031   4.559   -7.314  1.00 9.45   ? 6   LYS A O   1 
ATOM   45  C  CB  . LYS A 1 6  ? 1.188   2.682   -9.613  1.00 11.33  ? 6   LYS A CB  1 
ATOM   46  C  CG  . LYS A 1 6  ? 1.360   3.709   -10.712 1.00 33.56  ? 6   LYS A CG  1 
ATOM   47  C  CD  . LYS A 1 6  ? 0.995   3.202   -12.090 1.00 69.50  ? 6   LYS A CD  1 
ATOM   48  C  CE  . LYS A 1 6  ? 0.726   4.333   -13.080 1.00 31.89  ? 6   LYS A CE  1 
ATOM   49  N  NZ  . LYS A 1 6  ? 0.208   3.784   -14.347 1.00 28.11  ? 6   LYS A NZ  1 
ATOM   50  N  N   . THR A 1 7  ? 1.849   5.713   -8.110  1.00 7.11   ? 7   THR A N   1 
ATOM   51  C  CA  . THR A 1 7  ? 1.294   7.020   -7.750  1.00 8.50   ? 7   THR A CA  1 
ATOM   52  C  C   . THR A 1 7  ? 0.749   7.768   -8.963  1.00 5.30   ? 7   THR A C   1 
ATOM   53  O  O   . THR A 1 7  ? 1.034   7.381   -10.115 1.00 7.87   ? 7   THR A O   1 
ATOM   54  C  CB  . THR A 1 7  ? 2.276   7.972   -7.040  1.00 10.11  ? 7   THR A CB  1 
ATOM   55  O  OG1 . THR A 1 7  ? 3.241   8.479   -7.972  1.00 12.24  ? 7   THR A OG1 1 
ATOM   56  C  CG2 . THR A 1 7  ? 3.066   7.196   -6.000  1.00 12.85  ? 7   THR A CG2 1 
ATOM   57  N  N   . LEU A 1 8  ? 0.080   8.884   -8.662  1.00 12.98  ? 8   LEU A N   1 
ATOM   58  C  CA  . LEU A 1 8  ? -0.526  9.736   -9.718  1.00 14.44  ? 8   LEU A CA  1 
ATOM   59  C  C   . LEU A 1 8  ? 0.483   10.448  -10.567 1.00 10.32  ? 8   LEU A C   1 
ATOM   60  O  O   . LEU A 1 8  ? 0.150   10.846  -11.660 1.00 10.42  ? 8   LEU A O   1 
ATOM   61  C  CB  . LEU A 1 8  ? -1.605  10.706  -9.281  1.00 14.89  ? 8   LEU A CB  1 
ATOM   62  C  CG  . LEU A 1 8  ? -2.865  9.991   -8.811  1.00 20.65  ? 8   LEU A CG  1 
ATOM   63  C  CD1 . LEU A 1 8  ? -3.808  11.045  -8.285  1.00 14.68  ? 8   LEU A CD1 1 
ATOM   64  C  CD2 . LEU A 1 8  ? -3.523  9.144   -9.954  1.00 26.76  ? 8   LEU A CD2 1 
ATOM   65  N  N   . THR A 1 9  ? 1.712   10.522  -10.074 1.00 9.31   ? 9   THR A N   1 
ATOM   66  C  CA  . THR A 1 9  ? 2.759   11.142  -10.868 1.00 8.07   ? 9   THR A CA  1 
ATOM   67  C  C   . THR A 1 9  ? 3.469   10.120  -11.721 1.00 13.30  ? 9   THR A C   1 
ATOM   68  O  O   . THR A 1 9  ? 4.445   10.404  -12.407 1.00 11.72  ? 9   THR A O   1 
ATOM   69  C  CB  . THR A 1 9  ? 3.777   11.950  -10.001 1.00 14.11  ? 9   THR A CB  1 
ATOM   70  O  OG1 . THR A 1 9  ? 4.490   11.054  -9.139  1.00 15.30  ? 9   THR A OG1 1 
ATOM   71  C  CG2 . THR A 1 9  ? 3.108   13.104  -9.224  1.00 8.70   ? 9   THR A CG2 1 
ATOM   72  N  N   . GLY A 1 10 ? 3.000   8.881   -11.627 1.00 10.08  ? 10  GLY A N   1 
ATOM   73  C  CA  . GLY A 1 10 ? 3.568   7.789   -12.407 1.00 8.05   ? 10  GLY A CA  1 
ATOM   74  C  C   . GLY A 1 10 ? 4.729   7.135   -11.662 1.00 16.23  ? 10  GLY A C   1 
ATOM   75  O  O   . GLY A 1 10 ? 5.406   6.296   -12.231 1.00 13.20  ? 10  GLY A O   1 
ATOM   76  N  N   . LYS A 1 11 ? 4.972   7.470   -10.406 1.00 8.69   ? 11  LYS A N   1 
ATOM   77  C  CA  . LYS A 1 11 ? 6.090   6.814   -9.740  1.00 9.34   ? 11  LYS A CA  1 
ATOM   78  C  C   . LYS A 1 11 ? 5.715   5.387   -9.350  1.00 12.77  ? 11  LYS A C   1 
ATOM   79  O  O   . LYS A 1 11 ? 4.570   5.150   -8.996  1.00 8.93   ? 11  LYS A O   1 
ATOM   80  C  CB  . LYS A 1 11 ? 6.436   7.598   -8.488  1.00 21.45  ? 11  LYS A CB  1 
ATOM   81  C  CG  . LYS A 1 11 ? 7.630   7.081   -7.723  1.00 41.04  ? 11  LYS A CG  1 
ATOM   82  C  CD  . LYS A 1 11 ? 7.999   8.158   -6.698  1.00 52.27  ? 11  LYS A CD  1 
ATOM   83  C  CE  . LYS A 1 11 ? 8.854   7.641   -5.543  1.00 51.49  ? 11  LYS A CE  1 
ATOM   84  N  NZ  . LYS A 1 11 ? 9.942   6.752   -6.011  1.00 18.85  ? 11  LYS A NZ  1 
ATOM   85  N  N   . GLU A 1 12 ? 6.651   4.437   -9.438  1.00 9.37   ? 12  GLU A N   1 
ATOM   86  C  CA  . GLU A 1 12 ? 6.296   3.050   -9.028  1.00 10.38  ? 12  GLU A CA  1 
ATOM   87  C  C   . GLU A 1 12 ? 7.249   2.640   -7.889  1.00 12.34  ? 12  GLU A C   1 
ATOM   88  O  O   . GLU A 1 12 ? 8.432   2.505   -8.082  1.00 15.49  ? 12  GLU A O   1 
ATOM   89  C  CB  . GLU A 1 12 ? 6.492   2.106   -10.205 1.00 14.33  ? 12  GLU A CB  1 
ATOM   90  C  CG  . GLU A 1 12 ? 5.665   2.506   -11.457 1.00 21.92  ? 12  GLU A CG  1 
ATOM   91  C  CD  . GLU A 1 12 ? 6.016   1.597   -12.661 1.00 100.00 ? 12  GLU A CD  1 
ATOM   92  O  OE1 . GLU A 1 12 ? 6.481   0.444   -12.472 1.00 61.46  ? 12  GLU A OE1 1 
ATOM   93  O  OE2 . GLU A 1 12 ? 5.835   2.025   -13.826 1.00 41.27  ? 12  GLU A OE2 1 
ATOM   94  N  N   . ILE A 1 13 ? 6.725   2.511   -6.677  1.00 5.78   ? 13  ILE A N   1 
ATOM   95  C  CA  . ILE A 1 13 ? 7.490   2.203   -5.468  1.00 3.70   ? 13  ILE A CA  1 
ATOM   96  C  C   . ILE A 1 13 ? 7.434   0.711   -5.194  1.00 17.86  ? 13  ILE A C   1 
ATOM   97  O  O   . ILE A 1 13 ? 6.330   0.191   -5.061  1.00 12.51  ? 13  ILE A O   1 
ATOM   98  C  CB  . ILE A 1 13 ? 6.719   2.848   -4.331  1.00 8.10   ? 13  ILE A CB  1 
ATOM   99  C  CG1 . ILE A 1 13 ? 6.535   4.323   -4.680  1.00 12.95  ? 13  ILE A CG1 1 
ATOM   100 C  CG2 . ILE A 1 13 ? 7.436   2.772   -2.987  1.00 12.06  ? 13  ILE A CG2 1 
ATOM   101 C  CD1 . ILE A 1 13 ? 5.491   5.101   -3.777  1.00 13.61  ? 13  ILE A CD1 1 
ATOM   102 N  N   . GLU A 1 14 ? 8.595   0.071   -5.079  1.00 10.90  ? 14  GLU A N   1 
ATOM   103 C  CA  . GLU A 1 14 ? 8.617   -1.345  -4.704  1.00 11.83  ? 14  GLU A CA  1 
ATOM   104 C  C   . GLU A 1 14 ? 8.685   -1.389  -3.168  1.00 12.02  ? 14  GLU A C   1 
ATOM   105 O  O   . GLU A 1 14 ? 9.477   -0.693  -2.520  1.00 12.90  ? 14  GLU A O   1 
ATOM   106 C  CB  . GLU A 1 14 ? 9.741   -2.091  -5.430  1.00 14.71  ? 14  GLU A CB  1 
ATOM   107 C  CG  . GLU A 1 14 ? 9.364   -2.254  -6.978  1.00 26.27  ? 14  GLU A CG  1 
ATOM   108 C  CD  . GLU A 1 14 ? 10.347  -3.105  -7.844  1.00 40.96  ? 14  GLU A CD  1 
ATOM   109 O  OE1 . GLU A 1 14 ? 11.506  -3.248  -7.405  1.00 32.30  ? 14  GLU A OE1 1 
ATOM   110 O  OE2 . GLU A 1 14 ? 10.037  -3.615  -8.959  1.00 41.76  ? 14  GLU A OE2 1 
ATOM   111 N  N   . ILE A 1 15 ? 7.800   -2.151  -2.541  1.00 10.75  ? 15  ILE A N   1 
ATOM   112 C  CA  . ILE A 1 15 ? 7.772   -2.235  -1.069  1.00 8.45   ? 15  ILE A CA  1 
ATOM   113 C  C   . ILE A 1 15 ? 7.734   -3.716  -0.724  1.00 17.29  ? 15  ILE A C   1 
ATOM   114 O  O   . ILE A 1 15 ? 6.890   -4.438  -1.239  1.00 8.77   ? 15  ILE A O   1 
ATOM   115 C  CB  . ILE A 1 15 ? 6.407   -1.670  -0.532  1.00 19.08  ? 15  ILE A CB  1 
ATOM   116 C  CG1 . ILE A 1 15 ? 6.163   -0.202  -0.876  1.00 18.38  ? 15  ILE A CG1 1 
ATOM   117 C  CG2 . ILE A 1 15 ? 6.409   -1.726  0.990   1.00 26.07  ? 15  ILE A CG2 1 
ATOM   118 C  CD1 . ILE A 1 15 ? 7.062   0.636   -0.028  1.00 22.37  ? 15  ILE A CD1 1 
ATOM   119 N  N   . ASP A 1 16 ? 8.588   -4.193  0.174   1.00 13.71  ? 16  ASP A N   1 
ATOM   120 C  CA  . ASP A 1 16 ? 8.510   -5.590  0.568   1.00 7.34   ? 16  ASP A CA  1 
ATOM   121 C  C   . ASP A 1 16 ? 7.674   -5.608  1.880   1.00 11.06  ? 16  ASP A C   1 
ATOM   122 O  O   . ASP A 1 16 ? 7.973   -4.903  2.862   1.00 18.01  ? 16  ASP A O   1 
ATOM   123 C  CB  . ASP A 1 16 ? 9.935   -6.071  0.810   1.00 10.49  ? 16  ASP A CB  1 
ATOM   124 C  CG  . ASP A 1 16 ? 10.021  -7.541  1.134   1.00 17.24  ? 16  ASP A CG  1 
ATOM   125 O  OD1 . ASP A 1 16 ? 9.045   -8.235  0.830   1.00 10.70  ? 16  ASP A OD1 1 
ATOM   126 O  OD2 . ASP A 1 16 ? 11.067  -8.015  1.615   1.00 29.83  ? 16  ASP A OD2 1 
ATOM   127 N  N   . ILE A 1 17 ? 6.564   -6.328  1.895   1.00 18.77  ? 17  ILE A N   1 
ATOM   128 C  CA  . ILE A 1 17 ? 5.706   -6.389  3.065   1.00 10.76  ? 17  ILE A CA  1 
ATOM   129 C  C   . ILE A 1 17 ? 5.570   -7.830  3.654   1.00 17.86  ? 17  ILE A C   1 
ATOM   130 O  O   . ILE A 1 17 ? 6.064   -8.803  3.105   1.00 18.03  ? 17  ILE A O   1 
ATOM   131 C  CB  . ILE A 1 17 ? 4.269   -5.967  2.607   1.00 11.10  ? 17  ILE A CB  1 
ATOM   132 C  CG1 . ILE A 1 17 ? 3.698   -6.988  1.619   1.00 12.61  ? 17  ILE A CG1 1 
ATOM   133 C  CG2 . ILE A 1 17 ? 4.352   -4.571  1.900   1.00 8.55   ? 17  ILE A CG2 1 
ATOM   134 C  CD1 . ILE A 1 17 ? 2.212   -6.853  1.337   1.00 20.97  ? 17  ILE A CD1 1 
ATOM   135 N  N   . GLU A 1 18 ? 4.860   -7.998  4.754   1.00 14.55  ? 18  GLU A N   1 
ATOM   136 C  CA  . GLU A 1 18 ? 4.553   -9.344  5.285   1.00 20.00  ? 18  GLU A CA  1 
ATOM   137 C  C   . GLU A 1 18 ? 3.054   -9.573  4.957   1.00 17.67  ? 18  GLU A C   1 
ATOM   138 O  O   . GLU A 1 18 ? 2.244   -8.617  5.007   1.00 19.34  ? 18  GLU A O   1 
ATOM   139 C  CB  . GLU A 1 18 ? 4.715   -9.399  6.816   1.00 12.22  ? 18  GLU A CB  1 
ATOM   140 C  CG  . GLU A 1 18 ? 6.142   -9.309  7.282   1.00 17.59  ? 18  GLU A CG  1 
ATOM   141 C  CD  . GLU A 1 18 ? 6.994   -10.459 6.752   1.00 43.37  ? 18  GLU A CD  1 
ATOM   142 O  OE1 . GLU A 1 18 ? 6.483   -11.579 6.527   1.00 31.36  ? 18  GLU A OE1 1 
ATOM   143 O  OE2 . GLU A 1 18 ? 8.209   -10.240 6.616   1.00 31.30  ? 18  GLU A OE2 1 
ATOM   144 N  N   . PRO A 1 19 ? 2.622   -10.808 4.671   1.00 19.99  ? 19  PRO A N   1 
ATOM   145 C  CA  . PRO A 1 19 ? 1.207   -11.113 4.361   1.00 20.14  ? 19  PRO A CA  1 
ATOM   146 C  C   . PRO A 1 19 ? 0.309   -10.802 5.549   1.00 14.67  ? 19  PRO A C   1 
ATOM   147 O  O   . PRO A 1 19 ? -0.882  -10.471 5.485   1.00 24.62  ? 19  PRO A O   1 
ATOM   148 C  CB  . PRO A 1 19 ? 1.215   -12.630 4.071   1.00 30.71  ? 19  PRO A CB  1 
ATOM   149 C  CG  . PRO A 1 19 ? 2.667   -13.031 3.887   1.00 34.74  ? 19  PRO A CG  1 
ATOM   150 C  CD  . PRO A 1 19 ? 3.563   -11.871 4.253   1.00 26.31  ? 19  PRO A CD  1 
ATOM   151 N  N   . THR A 1 20 ? 0.948   -10.832 6.708   1.00 15.55  ? 20  THR A N   1 
ATOM   152 C  CA  . THR A 1 20 ? 0.286   -10.502 7.977   1.00 21.65  ? 20  THR A CA  1 
ATOM   153 C  C   . THR A 1 20 ? 0.250   -9.002  8.301   1.00 21.72  ? 20  THR A C   1 
ATOM   154 O  O   . THR A 1 20 ? -0.336  -8.645  9.317   1.00 17.13  ? 20  THR A O   1 
ATOM   155 C  CB  . THR A 1 20 ? 0.905   -11.277 9.182   1.00 34.70  ? 20  THR A CB  1 
ATOM   156 O  OG1 . THR A 1 20 ? 2.329   -11.049 9.341   1.00 20.55  ? 20  THR A OG1 1 
ATOM   157 C  CG2 . THR A 1 20 ? 0.575   -12.784 9.038   1.00 27.93  ? 20  THR A CG2 1 
ATOM   158 N  N   . ASP A 1 21 ? 0.869   -8.128  7.493   1.00 18.52  ? 21  ASP A N   1 
ATOM   159 C  CA  . ASP A 1 21 ? 0.829   -6.688  7.824   1.00 9.95   ? 21  ASP A CA  1 
ATOM   160 C  C   . ASP A 1 21 ? -0.546  -6.141  7.629   1.00 9.18   ? 21  ASP A C   1 
ATOM   161 O  O   . ASP A 1 21 ? -1.228  -6.501  6.671   1.00 12.84  ? 21  ASP A O   1 
ATOM   162 C  CB  . ASP A 1 21 ? 1.690   -5.886  6.817   1.00 8.35   ? 21  ASP A CB  1 
ATOM   163 C  CG  . ASP A 1 21 ? 3.188   -6.033  7.024   1.00 16.47  ? 21  ASP A CG  1 
ATOM   164 O  OD1 . ASP A 1 21 ? 3.661   -6.482  8.088   1.00 16.03  ? 21  ASP A OD1 1 
ATOM   165 O  OD2 . ASP A 1 21 ? 3.960   -5.627  6.130   1.00 15.45  ? 21  ASP A OD2 1 
ATOM   166 N  N   . THR A 1 22 ? -0.974  -5.229  8.506   1.00 12.43  ? 22  THR A N   1 
ATOM   167 C  CA  . THR A 1 22 ? -2.245  -4.526  8.282   1.00 12.70  ? 22  THR A CA  1 
ATOM   168 C  C   . THR A 1 22 ? -1.946  -3.520  7.161   1.00 13.28  ? 22  THR A C   1 
ATOM   169 O  O   . THR A 1 22 ? -0.768  -3.274  6.850   1.00 12.68  ? 22  THR A O   1 
ATOM   170 C  CB  . THR A 1 22 ? -2.796  -3.744  9.488   1.00 19.90  ? 22  THR A CB  1 
ATOM   171 O  OG1 . THR A 1 22 ? -1.819  -2.770  9.863   1.00 17.34  ? 22  THR A OG1 1 
ATOM   172 C  CG2 . THR A 1 22 ? -3.076  -4.728  10.670  1.00 16.98  ? 22  THR A CG2 1 
ATOM   173 N  N   . ILE A 1 23 ? -3.010  -2.989  6.579   1.00 11.97  ? 23  ILE A N   1 
ATOM   174 C  CA  . ILE A 1 23 ? -2.868  -2.018  5.508   1.00 13.88  ? 23  ILE A CA  1 
ATOM   175 C  C   . ILE A 1 23 ? -2.271  -0.775  6.189   1.00 25.16  ? 23  ILE A C   1 
ATOM   176 O  O   . ILE A 1 23 ? -1.536  -0.034  5.569   1.00 11.49  ? 23  ILE A O   1 
ATOM   177 C  CB  . ILE A 1 23 ? -4.210  -1.669  4.923   1.00 12.67  ? 23  ILE A CB  1 
ATOM   178 C  CG1 . ILE A 1 23 ? -4.873  -2.833  4.187   1.00 16.93  ? 23  ILE A CG1 1 
ATOM   179 C  CG2 . ILE A 1 23 ? -4.089  -0.429  4.056   1.00 15.68  ? 23  ILE A CG2 1 
ATOM   180 C  CD1 . ILE A 1 23 ? -3.864  -3.752  3.555   1.00 16.72  ? 23  ILE A CD1 1 
ATOM   181 N  N   . ASP A 1 24 ? -2.503  -0.507  7.474   1.00 22.61  ? 24  ASP A N   1 
ATOM   182 C  CA  . ASP A 1 24 ? -1.830  0.678   8.025   1.00 22.57  ? 24  ASP A CA  1 
ATOM   183 C  C   . ASP A 1 24 ? -0.291  0.460   8.122   1.00 17.24  ? 24  ASP A C   1 
ATOM   184 O  O   . ASP A 1 24 ? 0.529   1.339   7.867   1.00 13.04  ? 24  ASP A O   1 
ATOM   185 C  CB  . ASP A 1 24 ? -2.490  1.190   9.301   1.00 27.08  ? 24  ASP A CB  1 
ATOM   186 C  CG  . ASP A 1 24 ? -1.996  2.599   9.652   1.00 88.21  ? 24  ASP A CG  1 
ATOM   187 O  OD1 . ASP A 1 24 ? -2.031  3.544   8.816   1.00 30.91  ? 24  ASP A OD1 1 
ATOM   188 O  OD2 . ASP A 1 24 ? -1.532  2.759   10.801  1.00 100.00 ? 24  ASP A OD2 1 
ATOM   189 N  N   . ARG A 1 25 ? 0.142   -0.759  8.444   1.00 15.07  ? 25  ARG A N   1 
ATOM   190 C  CA  . ARG A 1 25 ? 1.564   -1.108  8.479   1.00 16.14  ? 25  ARG A CA  1 
ATOM   191 C  C   . ARG A 1 25 ? 2.169   -0.975  7.092   1.00 10.55  ? 25  ARG A C   1 
ATOM   192 O  O   . ARG A 1 25 ? 3.335   -0.563  7.001   1.00 10.50  ? 25  ARG A O   1 
ATOM   193 C  CB  . ARG A 1 25 ? 1.816   -2.540  9.030   1.00 15.25  ? 25  ARG A CB  1 
ATOM   194 C  CG  . ARG A 1 25 ? 3.296   -2.954  9.058   1.00 20.26  ? 25  ARG A CG  1 
ATOM   195 C  CD  . ARG A 1 25 ? 4.040   -2.332  10.233  1.00 36.29  ? 25  ARG A CD  1 
ATOM   196 N  NE  . ARG A 1 25 ? 5.448   -2.708  10.192  1.00 27.33  ? 25  ARG A NE  1 
ATOM   197 C  CZ  . ARG A 1 25 ? 6.463   -1.874  9.991   1.00 32.27  ? 25  ARG A CZ  1 
ATOM   198 N  NH1 . ARG A 1 25 ? 6.308   -0.558  9.838   1.00 23.14  ? 25  ARG A NH1 1 
ATOM   199 N  NH2 . ARG A 1 25 ? 7.664   -2.412  9.942   1.00 33.21  ? 25  ARG A NH2 1 
ATOM   200 N  N   . ILE A 1 26 ? 1.407   -1.329  6.041   1.00 7.45   ? 26  ILE A N   1 
ATOM   201 C  CA  . ILE A 1 26 ? 1.934   -1.163  4.668   1.00 9.09   ? 26  ILE A CA  1 
ATOM   202 C  C   . ILE A 1 26 ? 2.226   0.351   4.440   1.00 19.18  ? 26  ILE A C   1 
ATOM   203 O  O   . ILE A 1 26 ? 3.303   0.709   3.906   1.00 12.41  ? 26  ILE A O   1 
ATOM   204 C  CB  . ILE A 1 26 ? 0.966   -1.654  3.621   1.00 8.74   ? 26  ILE A CB  1 
ATOM   205 C  CG1 . ILE A 1 26 ? 0.874   -3.192  3.789   1.00 14.08  ? 26  ILE A CG1 1 
ATOM   206 C  CG2 . ILE A 1 26 ? 1.595   -1.464  2.198   1.00 12.15  ? 26  ILE A CG2 1 
ATOM   207 C  CD1 . ILE A 1 26 ? -0.142  -3.940  2.814   1.00 11.00  ? 26  ILE A CD1 1 
ATOM   208 N  N   . LYS A 1 27 ? 1.320   1.245   4.864   1.00 10.94  ? 27  LYS A N   1 
ATOM   209 C  CA  . LYS A 1 27 ? 1.476   2.711   4.688   1.00 14.74  ? 27  LYS A CA  1 
ATOM   210 C  C   . LYS A 1 27 ? 2.713   3.202   5.436   1.00 10.92  ? 27  LYS A C   1 
ATOM   211 O  O   . LYS A 1 27 ? 3.479   4.046   4.941   1.00 15.46  ? 27  LYS A O   1 
ATOM   212 C  CB  . LYS A 1 27 ? 0.220   3.429   5.209   1.00 21.04  ? 27  LYS A CB  1 
ATOM   213 C  CG  . LYS A 1 27 ? -1.020  3.224   4.332   1.00 13.25  ? 27  LYS A CG  1 
ATOM   214 C  CD  . LYS A 1 27 ? -2.312  3.826   4.986   1.00 10.50  ? 27  LYS A CD  1 
ATOM   215 C  CE  . LYS A 1 27 ? -3.382  3.732   3.945   1.00 17.63  ? 27  LYS A CE  1 
ATOM   216 N  NZ  . LYS A 1 27 ? -4.742  4.133   4.445   1.00 20.11  ? 27  LYS A NZ  1 
ATOM   217 N  N   . GLU A 1 28 ? 2.961   2.571   6.586   1.00 12.46  ? 28  GLU A N   1 
ATOM   218 C  CA  . GLU A 1 28 ? 4.134   2.921   7.366   1.00 14.65  ? 28  GLU A CA  1 
ATOM   219 C  C   . GLU A 1 28 ? 5.428   2.513   6.657   1.00 13.71  ? 28  GLU A C   1 
ATOM   220 O  O   . GLU A 1 28 ? 6.429   3.248   6.693   1.00 16.66  ? 28  GLU A O   1 
ATOM   221 C  CB  . GLU A 1 28 ? 4.059   2.268   8.768   1.00 11.47  ? 28  GLU A CB  1 
ATOM   222 C  CG  . GLU A 1 28 ? 2.899   2.727   9.676   1.00 23.18  ? 28  GLU A CG  1 
ATOM   223 C  CD  . GLU A 1 28 ? 2.937   2.038   11.078  1.00 24.87  ? 28  GLU A CD  1 
ATOM   224 O  OE1 . GLU A 1 28 ? 3.798   1.149   11.301  1.00 88.35  ? 28  GLU A OE1 1 
ATOM   225 O  OE2 . GLU A 1 28 ? 2.087   2.386   11.934  1.00 100.00 ? 28  GLU A OE2 1 
ATOM   226 N  N   . ARG A 1 29 ? 5.444   1.335   6.025   1.00 12.49  ? 29  ARG A N   1 
ATOM   227 C  CA  . ARG A 1 29 ? 6.630   0.909   5.266   1.00 11.82  ? 29  ARG A CA  1 
ATOM   228 C  C   . ARG A 1 29 ? 6.785   1.888   4.085   1.00 12.39  ? 29  ARG A C   1 
ATOM   229 O  O   . ARG A 1 29 ? 7.910   2.195   3.669   1.00 13.71  ? 29  ARG A O   1 
ATOM   230 C  CB  . ARG A 1 29 ? 6.463   -0.498  4.701   1.00 11.98  ? 29  ARG A CB  1 
ATOM   231 C  CG  . ARG A 1 29 ? 6.445   -1.600  5.780   1.00 16.51  ? 29  ARG A CG  1 
ATOM   232 C  CD  . ARG A 1 29 ? 6.451   -3.035  5.246   1.00 36.45  ? 29  ARG A CD  1 
ATOM   233 N  NE  . ARG A 1 29 ? 6.175   -4.060  6.250   1.00 12.91  ? 29  ARG A NE  1 
ATOM   234 C  CZ  . ARG A 1 29 ? 7.013   -4.443  7.207   1.00 19.93  ? 29  ARG A CZ  1 
ATOM   235 N  NH1 . ARG A 1 29 ? 8.191   -3.890  7.433   1.00 23.01  ? 29  ARG A NH1 1 
ATOM   236 N  NH2 . ARG A 1 29 ? 6.659   -5.412  8.039   1.00 30.11  ? 29  ARG A NH2 1 
ATOM   237 N  N   . VAL A 1 30 ? 5.680   2.388   3.547   1.00 7.72   ? 30  VAL A N   1 
ATOM   238 C  CA  . VAL A 1 30 ? 5.722   3.363   2.443   1.00 11.65  ? 30  VAL A CA  1 
ATOM   239 C  C   . VAL A 1 30 ? 6.363   4.666   3.003   1.00 21.43  ? 30  VAL A C   1 
ATOM   240 O  O   . VAL A 1 30 ? 7.221   5.309   2.379   1.00 11.81  ? 30  VAL A O   1 
ATOM   241 C  CB  . VAL A 1 30 ? 4.342   3.620   1.726   1.00 15.27  ? 30  VAL A CB  1 
ATOM   242 C  CG1 . VAL A 1 30 ? 4.396   4.872   0.791   1.00 12.56  ? 30  VAL A CG1 1 
ATOM   243 C  CG2 . VAL A 1 30 ? 3.807   2.360   0.939   1.00 7.53   ? 30  VAL A CG2 1 
ATOM   244 N  N   . GLU A 1 31 ? 5.963   5.050   4.210   1.00 18.31  ? 31  GLU A N   1 
ATOM   245 C  CA  . GLU A 1 31 ? 6.552   6.232   4.845   1.00 14.33  ? 31  GLU A CA  1 
ATOM   246 C  C   . GLU A 1 31 ? 8.045   6.069   5.124   1.00 16.14  ? 31  GLU A C   1 
ATOM   247 O  O   . GLU A 1 31 ? 8.826   7.024   4.842   1.00 15.00  ? 31  GLU A O   1 
ATOM   248 C  CB  . GLU A 1 31 ? 5.778   6.678   6.061   1.00 14.16  ? 31  GLU A CB  1 
ATOM   249 C  CG  . GLU A 1 31 ? 6.402   7.972   6.597   1.00 19.90  ? 31  GLU A CG  1 
ATOM   250 C  CD  . GLU A 1 31 ? 5.852   8.349   7.945   1.00 36.34  ? 31  GLU A CD  1 
ATOM   251 O  OE1 . GLU A 1 31 ? 5.666   7.420   8.752   1.00 28.08  ? 31  GLU A OE1 1 
ATOM   252 O  OE2 . GLU A 1 31 ? 5.607   9.551   8.163   1.00 27.92  ? 31  GLU A OE2 1 
ATOM   253 N  N   . GLU A 1 32 ? 8.482   4.881   5.558   1.00 13.60  ? 32  GLU A N   1 
ATOM   254 C  CA  . GLU A 1 32 ? 9.929   4.647   5.815   1.00 18.53  ? 32  GLU A CA  1 
ATOM   255 C  C   . GLU A 1 32 ? 10.830  4.767   4.588   1.00 19.36  ? 32  GLU A C   1 
ATOM   256 O  O   . GLU A 1 32 ? 11.963  5.153   4.713   1.00 24.86  ? 32  GLU A O   1 
ATOM   257 C  CB  . GLU A 1 32 ? 10.271  3.301   6.480   1.00 21.64  ? 32  GLU A CB  1 
ATOM   258 C  CG  . GLU A 1 32 ? 9.579   3.097   7.817   1.00 26.95  ? 32  GLU A CG  1 
ATOM   259 C  CD  . GLU A 1 32 ? 9.490   1.638   8.225   1.00 55.44  ? 32  GLU A CD  1 
ATOM   260 O  OE1 . GLU A 1 32 ? 10.151  0.789   7.571   1.00 29.39  ? 32  GLU A OE1 1 
ATOM   261 O  OE2 . GLU A 1 32 ? 8.725   1.363   9.180   1.00 69.97  ? 32  GLU A OE2 1 
ATOM   262 N  N   . LYS A 1 33 ? 10.317  4.422   3.417   1.00 9.17   ? 33  LYS A N   1 
ATOM   263 C  CA  . LYS A 1 33 ? 11.037  4.478   2.152   1.00 12.24  ? 33  LYS A CA  1 
ATOM   264 C  C   . LYS A 1 33 ? 10.922  5.809   1.375   1.00 15.54  ? 33  LYS A C   1 
ATOM   265 O  O   . LYS A 1 33 ? 11.851  6.260   0.688   1.00 10.95  ? 33  LYS A O   1 
ATOM   266 C  CB  . LYS A 1 33 ? 10.588  3.283   1.251   1.00 13.77  ? 33  LYS A CB  1 
ATOM   267 C  CG  . LYS A 1 33 ? 11.422  3.081   -0.011  1.00 12.98  ? 33  LYS A CG  1 
ATOM   268 C  CD  . LYS A 1 33 ? 11.087  1.850   -0.784  1.00 17.64  ? 33  LYS A CD  1 
ATOM   269 C  CE  . LYS A 1 33 ? 12.004  1.616   -1.978  1.00 25.81  ? 33  LYS A CE  1 
ATOM   270 N  NZ  . LYS A 1 33 ? 12.152  0.191   -2.538  1.00 23.50  ? 33  LYS A NZ  1 
ATOM   271 N  N   . GLU A 1 34 ? 9.725   6.379   1.423   1.00 13.87  ? 34  GLU A N   1 
ATOM   272 C  CA  . GLU A 1 34 ? 9.414   7.558   0.636   1.00 8.76   ? 34  GLU A CA  1 
ATOM   273 C  C   . GLU A 1 34 ? 9.032   8.787   1.414   1.00 11.10  ? 34  GLU A C   1 
ATOM   274 O  O   . GLU A 1 34 ? 8.924   9.836   0.782   1.00 14.71  ? 34  GLU A O   1 
ATOM   275 C  CB  . GLU A 1 34 ? 8.281   7.225   -0.347  1.00 10.73  ? 34  GLU A CB  1 
ATOM   276 C  CG  . GLU A 1 34 ? 8.495   5.916   -1.173  1.00 11.12  ? 34  GLU A CG  1 
ATOM   277 C  CD  . GLU A 1 34 ? 9.468   6.140   -2.305  1.00 9.99   ? 34  GLU A CD  1 
ATOM   278 O  OE1 . GLU A 1 34 ? 9.760   7.329   -2.623  1.00 15.57  ? 34  GLU A OE1 1 
ATOM   279 O  OE2 . GLU A 1 34 ? 9.985   5.151   -2.838  1.00 18.69  ? 34  GLU A OE2 1 
ATOM   280 N  N   . GLY A 1 35 ? 8.841   8.671   2.732   1.00 8.49   ? 35  GLY A N   1 
ATOM   281 C  CA  . GLY A 1 35 ? 8.486   9.859   3.541   1.00 12.61  ? 35  GLY A CA  1 
ATOM   282 C  C   . GLY A 1 35 ? 7.053   10.401  3.461   1.00 26.34  ? 35  GLY A C   1 
ATOM   283 O  O   . GLY A 1 35 ? 6.787   11.490  4.022   1.00 17.80  ? 35  GLY A O   1 
ATOM   284 N  N   . ILE A 1 36 ? 6.138   9.660   2.807   1.00 13.79  ? 36  ILE A N   1 
ATOM   285 C  CA  . ILE A 1 36 ? 4.758   10.128  2.646   1.00 9.78   ? 36  ILE A CA  1 
ATOM   286 C  C   . ILE A 1 36 ? 4.009   9.668   3.922   1.00 17.52  ? 36  ILE A C   1 
ATOM   287 O  O   . ILE A 1 36 ? 4.021   8.443   4.213   1.00 12.76  ? 36  ILE A O   1 
ATOM   288 C  CB  . ILE A 1 36 ? 4.129   9.463   1.409   1.00 12.31  ? 36  ILE A CB  1 
ATOM   289 C  CG1 . ILE A 1 36 ? 5.014   9.701   0.182   1.00 12.63  ? 36  ILE A CG1 1 
ATOM   290 C  CG2 . ILE A 1 36 ? 2.636   9.815   1.275   1.00 16.36  ? 36  ILE A CG2 1 
ATOM   291 C  CD1 . ILE A 1 36 ? 4.649   8.742   -1.003  1.00 21.66  ? 36  ILE A CD1 1 
ATOM   292 N  N   . PRO A 1 37 ? 3.453   10.622  4.701   1.00 14.88  ? 37  PRO A N   1 
ATOM   293 C  CA  . PRO A 1 37 ? 2.760   10.232  5.942   1.00 9.45   ? 37  PRO A CA  1 
ATOM   294 C  C   . PRO A 1 37 ? 1.582   9.319   5.642   1.00 10.01  ? 37  PRO A C   1 
ATOM   295 O  O   . PRO A 1 37 ? 0.773   9.598   4.755   1.00 15.61  ? 37  PRO A O   1 
ATOM   296 C  CB  . PRO A 1 37 ? 2.165   11.569  6.433   1.00 23.31  ? 37  PRO A CB  1 
ATOM   297 C  CG  . PRO A 1 37 ? 3.047   12.614  5.859   1.00 20.19  ? 37  PRO A CG  1 
ATOM   298 C  CD  . PRO A 1 37 ? 3.362   12.081  4.495   1.00 20.74  ? 37  PRO A CD  1 
ATOM   299 N  N   . PRO A 1 38 ? 1.463   8.281   6.477   1.00 20.99  ? 38  PRO A N   1 
ATOM   300 C  CA  . PRO A 1 38 ? 0.371   7.288   6.373   1.00 19.53  ? 38  PRO A CA  1 
ATOM   301 C  C   . PRO A 1 38 ? -0.989  7.977   6.352   1.00 17.31  ? 38  PRO A C   1 
ATOM   302 O  O   . PRO A 1 38 ? -1.868  7.608   5.571   1.00 14.55  ? 38  PRO A O   1 
ATOM   303 C  CB  . PRO A 1 38 ? 0.600   6.400   7.612   1.00 15.11  ? 38  PRO A CB  1 
ATOM   304 C  CG  . PRO A 1 38 ? 2.115   6.339   7.688   1.00 20.05  ? 38  PRO A CG  1 
ATOM   305 C  CD  . PRO A 1 38 ? 2.533   7.813   7.380   1.00 12.95  ? 38  PRO A CD  1 
ATOM   306 N  N   . VAL A 1 39 ? -1.159  9.060   7.105   1.00 13.22  ? 39  VAL A N   1 
ATOM   307 C  CA  . VAL A 1 39 ? -2.463  9.689   7.101   1.00 11.16  ? 39  VAL A CA  1 
ATOM   308 C  C   . VAL A 1 39 ? -2.863  10.274  5.786   1.00 13.69  ? 39  VAL A C   1 
ATOM   309 O  O   . VAL A 1 39 ? -4.033  10.533  5.537   1.00 18.80  ? 39  VAL A O   1 
ATOM   310 C  CB  . VAL A 1 39 ? -2.580  10.812  8.153   1.00 21.26  ? 39  VAL A CB  1 
ATOM   311 C  CG1 . VAL A 1 39 ? -2.533  10.223  9.564   1.00 24.17  ? 39  VAL A CG1 1 
ATOM   312 C  CG2 . VAL A 1 39 ? -1.564  11.979  7.863   1.00 21.10  ? 39  VAL A CG2 1 
ATOM   313 N  N   . GLN A 1 40 ? -1.885  10.544  4.932   1.00 13.45  ? 40  GLN A N   1 
ATOM   314 C  CA  . GLN A 1 40 ? -2.260  11.095  3.627   1.00 16.94  ? 40  GLN A CA  1 
ATOM   315 C  C   . GLN A 1 40 ? -2.419  10.056  2.508   1.00 21.50  ? 40  GLN A C   1 
ATOM   316 O  O   . GLN A 1 40 ? -2.707  10.426  1.386   1.00 18.54  ? 40  GLN A O   1 
ATOM   317 C  CB  . GLN A 1 40 ? -1.174  12.049  3.144   1.00 17.72  ? 40  GLN A CB  1 
ATOM   318 C  CG  . GLN A 1 40 ? -0.228  12.609  4.175   1.00 62.23  ? 40  GLN A CG  1 
ATOM   319 C  CD  . GLN A 1 40 ? 0.266   14.000  3.795   1.00 43.21  ? 40  GLN A CD  1 
ATOM   320 O  OE1 . GLN A 1 40 ? 0.407   14.884  4.641   1.00 97.99  ? 40  GLN A OE1 1 
ATOM   321 N  NE2 . GLN A 1 40 ? 0.506   14.206  2.518   1.00 35.12  ? 40  GLN A NE2 1 
ATOM   322 N  N   . GLN A 1 41 ? -2.183  8.774   2.782   1.00 13.99  ? 41  GLN A N   1 
ATOM   323 C  CA  . GLN A 1 41 ? -2.257  7.750   1.746   1.00 12.52  ? 41  GLN A CA  1 
ATOM   324 C  C   . GLN A 1 41 ? -3.593  6.997   1.643   1.00 19.40  ? 41  GLN A C   1 
ATOM   325 O  O   . GLN A 1 41 ? -4.115  6.504   2.662   1.00 15.60  ? 41  GLN A O   1 
ATOM   326 C  CB  . GLN A 1 41 ? -1.229  6.653   2.145   1.00 8.59   ? 41  GLN A CB  1 
ATOM   327 C  CG  . GLN A 1 41 ? 0.223   7.168   2.308   1.00 10.28  ? 41  GLN A CG  1 
ATOM   328 C  CD  . GLN A 1 41 ? 1.234   6.059   2.623   1.00 14.80  ? 41  GLN A CD  1 
ATOM   329 O  OE1 . GLN A 1 41 ? 1.023   4.878   2.235   1.00 13.15  ? 41  GLN A OE1 1 
ATOM   330 N  NE2 . GLN A 1 41 ? 2.300   6.381   3.382   1.00 7.14   ? 41  GLN A NE2 1 
ATOM   331 N  N   . ARG A 1 42 ? -4.155  6.876   0.445   1.00 16.30  ? 42  ARG A N   1 
ATOM   332 C  CA  . ARG A 1 42 ? -5.358  6.045   0.234   1.00 18.86  ? 42  ARG A CA  1 
ATOM   333 C  C   . ARG A 1 42 ? -4.799  4.955   -0.688  1.00 13.14  ? 42  ARG A C   1 
ATOM   334 O  O   . ARG A 1 42 ? -4.310  5.276   -1.749  1.00 12.45  ? 42  ARG A O   1 
ATOM   335 C  CB  . ARG A 1 42 ? -6.496  6.708   -0.556  1.00 15.68  ? 42  ARG A CB  1 
ATOM   336 C  CG  . ARG A 1 42 ? -7.334  7.667   0.235   1.00 22.03  ? 42  ARG A CG  1 
ATOM   337 C  CD  . ARG A 1 42 ? -8.114  8.504   -0.782  1.00 51.81  ? 42  ARG A CD  1 
ATOM   338 N  NE  . ARG A 1 42 ? -8.875  9.585   -0.163  1.00 100.00 ? 42  ARG A NE  1 
ATOM   339 C  CZ  . ARG A 1 42 ? -9.214  10.713  -0.786  1.00 100.00 ? 42  ARG A CZ  1 
ATOM   340 N  NH1 . ARG A 1 42 ? -8.797  10.910  -2.033  1.00 100.00 ? 42  ARG A NH1 1 
ATOM   341 N  NH2 . ARG A 1 42 ? -9.885  11.661  -0.119  1.00 100.00 ? 42  ARG A NH2 1 
ATOM   342 N  N   . LEU A 1 43 ? -4.872  3.687   -0.304  1.00 7.01   ? 43  LEU A N   1 
ATOM   343 C  CA  . LEU A 1 43 ? -4.335  2.621   -1.142  1.00 7.01   ? 43  LEU A CA  1 
ATOM   344 C  C   . LEU A 1 43 ? -5.507  1.881   -1.751  1.00 12.89  ? 43  LEU A C   1 
ATOM   345 O  O   . LEU A 1 43 ? -6.477  1.576   -1.039  1.00 17.27  ? 43  LEU A O   1 
ATOM   346 C  CB  . LEU A 1 43 ? -3.527  1.687   -0.270  1.00 9.14   ? 43  LEU A CB  1 
ATOM   347 C  CG  . LEU A 1 43 ? -2.238  2.307   0.263   1.00 10.02  ? 43  LEU A CG  1 
ATOM   348 C  CD1 . LEU A 1 43 ? -1.579  1.346   1.179   1.00 11.13  ? 43  LEU A CD1 1 
ATOM   349 C  CD2 . LEU A 1 43 ? -1.341  2.634   -0.930  1.00 12.55  ? 43  LEU A CD2 1 
ATOM   350 N  N   . ILE A 1 44 ? -5.403  1.550   -3.039  1.00 9.86   ? 44  ILE A N   1 
ATOM   351 C  CA  . ILE A 1 44 ? -6.492  0.919   -3.766  1.00 13.44  ? 44  ILE A CA  1 
ATOM   352 C  C   . ILE A 1 44 ? -6.034  -0.374  -4.399  1.00 17.04  ? 44  ILE A C   1 
ATOM   353 O  O   . ILE A 1 44 ? -4.957  -0.444  -5.010  1.00 15.12  ? 44  ILE A O   1 
ATOM   354 C  CB  . ILE A 1 44 ? -7.045  1.885   -4.833  1.00 15.11  ? 44  ILE A CB  1 
ATOM   355 C  CG1 . ILE A 1 44 ? -7.572  3.209   -4.228  1.00 16.55  ? 44  ILE A CG1 1 
ATOM   356 C  CG2 . ILE A 1 44 ? -7.945  1.163   -5.822  1.00 17.08  ? 44  ILE A CG2 1 
ATOM   357 C  CD1 . ILE A 1 44 ? -7.623  4.366   -5.186  1.00 24.05  ? 44  ILE A CD1 1 
ATOM   358 N  N   . TYR A 1 45 ? -6.889  -1.380  -4.278  1.00 14.84  ? 45  TYR A N   1 
ATOM   359 C  CA  . TYR A 1 45 ? -6.540  -2.695  -4.803  1.00 10.91  ? 45  TYR A CA  1 
ATOM   360 C  C   . TYR A 1 45 ? -7.886  -3.395  -5.028  1.00 18.39  ? 45  TYR A C   1 
ATOM   361 O  O   . TYR A 1 45 ? -8.823  -3.187  -4.257  1.00 16.61  ? 45  TYR A O   1 
ATOM   362 C  CB  . TYR A 1 45 ? -5.666  -3.457  -3.774  1.00 7.49   ? 45  TYR A CB  1 
ATOM   363 C  CG  . TYR A 1 45 ? -5.265  -4.887  -4.193  1.00 14.78  ? 45  TYR A CG  1 
ATOM   364 C  CD1 . TYR A 1 45 ? -4.374  -5.127  -5.247  1.00 11.52  ? 45  TYR A CD1 1 
ATOM   365 C  CD2 . TYR A 1 45 ? -5.863  -6.005  -3.577  1.00 22.89  ? 45  TYR A CD2 1 
ATOM   366 C  CE1 . TYR A 1 45 ? -4.048  -6.471  -5.638  1.00 9.71   ? 45  TYR A CE1 1 
ATOM   367 C  CE2 . TYR A 1 45 ? -5.561  -7.312  -3.953  1.00 13.96  ? 45  TYR A CE2 1 
ATOM   368 C  CZ  . TYR A 1 45 ? -4.689  -7.522  -4.990  1.00 13.00  ? 45  TYR A CZ  1 
ATOM   369 O  OH  . TYR A 1 45 ? -4.363  -8.807  -5.302  1.00 17.80  ? 45  TYR A OH  1 
ATOM   370 N  N   . ALA A 1 46 ? -8.004  -4.165  -6.113  1.00 17.09  ? 46  ALA A N   1 
ATOM   371 C  CA  . ALA A 1 46 ? -9.260  -4.878  -6.382  1.00 15.61  ? 46  ALA A CA  1 
ATOM   372 C  C   . ALA A 1 46 ? -10.398 -3.897  -6.558  1.00 24.47  ? 46  ALA A C   1 
ATOM   373 O  O   . ALA A 1 46 ? -11.545 -4.155  -6.225  1.00 24.95  ? 46  ALA A O   1 
ATOM   374 C  CB  . ALA A 1 46 ? -9.589  -5.845  -5.195  1.00 10.69  ? 46  ALA A CB  1 
ATOM   375 N  N   . GLY A 1 47 ? -10.032 -2.709  -7.063  1.00 20.76  ? 47  GLY A N   1 
ATOM   376 C  CA  . GLY A 1 47 ? -10.990 -1.675  -7.371  1.00 19.77  ? 47  GLY A CA  1 
ATOM   377 C  C   . GLY A 1 47 ? -11.686 -0.967  -6.214  1.00 28.49  ? 47  GLY A C   1 
ATOM   378 O  O   . GLY A 1 47 ? -12.747 -0.380  -6.411  1.00 27.72  ? 47  GLY A O   1 
ATOM   379 N  N   . LYS A 1 48 ? -11.046 -1.022  -5.052  1.00 17.77  ? 48  LYS A N   1 
ATOM   380 C  CA  . LYS A 1 48 ? -11.600 -0.423  -3.834  1.00 27.50  ? 48  LYS A CA  1 
ATOM   381 C  C   . LYS A 1 48 ? -10.503 0.053   -2.872  1.00 24.54  ? 48  LYS A C   1 
ATOM   382 O  O   . LYS A 1 48 ? -9.345  -0.347  -2.990  1.00 17.54  ? 48  LYS A O   1 
ATOM   383 C  CB  . LYS A 1 48 ? -12.443 -1.493  -3.129  1.00 34.04  ? 48  LYS A CB  1 
ATOM   384 C  CG  . LYS A 1 48 ? -11.573 -2.317  -2.171  1.00 50.31  ? 48  LYS A CG  1 
ATOM   385 C  CD  . LYS A 1 48 ? -12.356 -3.642  -1.732  1.00 51.14  ? 48  LYS A CD  1 
ATOM   386 C  CE  . LYS A 1 48 ? -13.435 -3.977  -2.704  1.00 45.22  ? 48  LYS A CE  1 
ATOM   387 N  NZ  . LYS A 1 48 ? -13.137 -4.989  -3.794  1.00 66.20  ? 48  LYS A NZ  1 
ATOM   388 N  N   . GLN A 1 49 ? -10.857 1.027   -2.068  1.00 15.31  ? 49  GLN A N   1 
ATOM   389 C  CA  . GLN A 1 49 ? -9.949  1.590   -1.052  1.00 14.81  ? 49  GLN A CA  1 
ATOM   390 C  C   . GLN A 1 49 ? -9.806  0.592   0.079   1.00 21.63  ? 49  GLN A C   1 
ATOM   391 O  O   . GLN A 1 49 ? -10.799 0.097   0.598   1.00 22.26  ? 49  GLN A O   1 
ATOM   392 C  CB  . GLN A 1 49 ? -10.391 2.907   -0.402  1.00 16.03  ? 49  GLN A CB  1 
ATOM   393 C  CG  . GLN A 1 49 ? -10.736 3.972   -1.434  1.00 100.00 ? 49  GLN A CG  1 
ATOM   394 C  CD  . GLN A 1 49 ? -10.161 5.365   -1.174  1.00 100.00 ? 49  GLN A CD  1 
ATOM   395 O  OE1 . GLN A 1 49 ? -9.636  5.986   -2.107  1.00 100.00 ? 49  GLN A OE1 1 
ATOM   396 N  NE2 . GLN A 1 49 ? -10.289 5.880   0.054   1.00 38.16  ? 49  GLN A NE2 1 
ATOM   397 N  N   . LEU A 1 50 ? -8.573  0.281   0.457   1.00 18.75  ? 50  LEU A N   1 
ATOM   398 C  CA  . LEU A 1 50 ? -8.260  -0.703  1.512   1.00 20.82  ? 50  LEU A CA  1 
ATOM   399 C  C   . LEU A 1 50 ? -8.383  -0.113  2.934   1.00 29.15  ? 50  LEU A C   1 
ATOM   400 O  O   . LEU A 1 50 ? -7.933  1.025   3.177   1.00 18.49  ? 50  LEU A O   1 
ATOM   401 C  CB  . LEU A 1 50 ? -6.830  -1.209  1.291   1.00 15.67  ? 50  LEU A CB  1 
ATOM   402 C  CG  . LEU A 1 50 ? -6.657  -1.737  -0.137  1.00 14.27  ? 50  LEU A CG  1 
ATOM   403 C  CD1 . LEU A 1 50 ? -5.175  -2.222  -0.250  1.00 7.36   ? 50  LEU A CD1 1 
ATOM   404 C  CD2 . LEU A 1 50 ? -7.715  -2.804  -0.573  1.00 17.47  ? 50  LEU A CD2 1 
ATOM   405 N  N   . ALA A 1 51 ? -8.977  -0.887  3.844   1.00 23.08  ? 51  ALA A N   1 
ATOM   406 C  CA  . ALA A 1 51 ? -9.178  -0.475  5.222   1.00 14.51  ? 51  ALA A CA  1 
ATOM   407 C  C   . ALA A 1 51 ? -7.919  -0.715  6.047   1.00 12.75  ? 51  ALA A C   1 
ATOM   408 O  O   . ALA A 1 51 ? -7.350  -1.813  6.086   1.00 15.43  ? 51  ALA A O   1 
ATOM   409 C  CB  . ALA A 1 51 ? -10.370 -1.241  5.791   1.00 24.94  ? 51  ALA A CB  1 
ATOM   410 N  N   . ASP A 1 52 ? -7.517  0.309   6.807   1.00 14.82  ? 52  ASP A N   1 
ATOM   411 C  CA  . ASP A 1 52 ? -6.291  0.283   7.626   1.00 13.19  ? 52  ASP A CA  1 
ATOM   412 C  C   . ASP A 1 52 ? -6.075  -0.878  8.548   1.00 18.51  ? 52  ASP A C   1 
ATOM   413 O  O   . ASP A 1 52 ? -4.953  -1.243  8.888   1.00 18.67  ? 52  ASP A O   1 
ATOM   414 C  CB  . ASP A 1 52 ? -6.101  1.527   8.496   1.00 18.99  ? 52  ASP A CB  1 
ATOM   415 C  CG  . ASP A 1 52 ? -5.684  2.747   7.666   1.00 29.88  ? 52  ASP A CG  1 
ATOM   416 O  OD1 . ASP A 1 52 ? -5.095  2.575   6.578   1.00 17.26  ? 52  ASP A OD1 1 
ATOM   417 O  OD2 . ASP A 1 52 ? -5.979  3.893   8.068   1.00 31.82  ? 52  ASP A OD2 1 
ATOM   418 N  N   . ASP A 1 53 ? -7.208  -1.355  9.028   1.00 16.94  ? 53  ASP A N   1 
ATOM   419 C  CA  . ASP A 1 53 ? -7.194  -2.438  9.992   1.00 22.30  ? 53  ASP A CA  1 
ATOM   420 C  C   . ASP A 1 53 ? -7.248  -3.849  9.478   1.00 20.39  ? 53  ASP A C   1 
ATOM   421 O  O   . ASP A 1 53 ? -7.180  -4.766  10.296  1.00 27.91  ? 53  ASP A O   1 
ATOM   422 C  CB  . ASP A 1 53 ? -8.095  -2.180  11.206  1.00 32.68  ? 53  ASP A CB  1 
ATOM   423 C  CG  . ASP A 1 53 ? -9.582  -2.017  10.865  1.00 77.02  ? 53  ASP A CG  1 
ATOM   424 O  OD1 . ASP A 1 53 ? -9.981  -1.790  9.689   1.00 42.90  ? 53  ASP A OD1 1 
ATOM   425 O  OD2 . ASP A 1 53 ? -10.369 -2.061  11.843  1.00 100.00 ? 53  ASP A OD2 1 
ATOM   426 N  N   . LYS A 1 54 ? -7.424  -4.006  8.169   1.00 15.80  ? 54  LYS A N   1 
ATOM   427 C  CA  . LYS A 1 54 ? -7.401  -5.321  7.525   1.00 13.76  ? 54  LYS A CA  1 
ATOM   428 C  C   . LYS A 1 54 ? -5.956  -5.669  7.167   1.00 16.50  ? 54  LYS A C   1 
ATOM   429 O  O   . LYS A 1 54 ? -5.074  -4.798  7.204   1.00 21.51  ? 54  LYS A O   1 
ATOM   430 C  CB  . LYS A 1 54 ? -8.353  -5.329  6.348   1.00 15.33  ? 54  LYS A CB  1 
ATOM   431 C  CG  . LYS A 1 54 ? -9.784  -5.212  6.879   1.00 17.80  ? 54  LYS A CG  1 
ATOM   432 C  CD  . LYS A 1 54 ? -10.839 -5.486  5.833   1.00 43.59  ? 54  LYS A CD  1 
ATOM   433 C  CE  . LYS A 1 54 ? -11.414 -6.888  5.966   1.00 100.00 ? 54  LYS A CE  1 
ATOM   434 N  NZ  . LYS A 1 54 ? -10.369 -7.836  6.427   1.00 100.00 ? 54  LYS A NZ  1 
ATOM   435 N  N   . THR A 1 55 ? -5.681  -6.946  6.909   1.00 17.01  ? 55  THR A N   1 
ATOM   436 C  CA  . THR A 1 55 ? -4.356  -7.422  6.540   1.00 12.21  ? 55  THR A CA  1 
ATOM   437 C  C   . THR A 1 55 ? -4.258  -7.641  5.011   1.00 16.85  ? 55  THR A C   1 
ATOM   438 O  O   . THR A 1 55 ? -5.268  -7.756  4.286   1.00 14.32  ? 55  THR A O   1 
ATOM   439 C  CB  . THR A 1 55 ? -4.005  -8.752  7.264   1.00 16.36  ? 55  THR A CB  1 
ATOM   440 O  OG1 . THR A 1 55 ? -4.863  -9.834  6.829   1.00 18.32  ? 55  THR A OG1 1 
ATOM   441 C  CG2 . THR A 1 55 ? -4.171  -8.575  8.742   1.00 20.17  ? 55  THR A CG2 1 
ATOM   442 N  N   . ALA A 1 56 ? -3.006  -7.726  4.560   1.00 17.09  ? 56  ALA A N   1 
ATOM   443 C  CA  . ALA A 1 56 ? -2.677  -7.965  3.160   1.00 13.57  ? 56  ALA A CA  1 
ATOM   444 C  C   . ALA A 1 56 ? -3.327  -9.345  2.868   1.00 11.71  ? 56  ALA A C   1 
ATOM   445 O  O   . ALA A 1 56 ? -3.950  -9.593  1.830   1.00 11.36  ? 56  ALA A O   1 
ATOM   446 C  CB  . ALA A 1 56 ? -1.100  -8.030  3.057   1.00 11.19  ? 56  ALA A CB  1 
ATOM   447 N  N   . LYS A 1 57 ? -3.190  -10.231 3.855   1.00 16.34  ? 57  LYS A N   1 
ATOM   448 C  CA  . LYS A 1 57 ? -3.743  -11.582 3.742   1.00 27.67  ? 57  LYS A CA  1 
ATOM   449 C  C   . LYS A 1 57 ? -5.270  -11.479 3.544   1.00 29.36  ? 57  LYS A C   1 
ATOM   450 O  O   . LYS A 1 57 ? -5.803  -12.203 2.676   1.00 23.44  ? 57  LYS A O   1 
ATOM   451 C  CB  . LYS A 1 57 ? -3.368  -12.472 4.959   1.00 34.28  ? 57  LYS A CB  1 
ATOM   452 C  CG  . LYS A 1 57 ? -3.406  -14.016 4.707   1.00 40.53  ? 57  LYS A CG  1 
ATOM   453 C  CD  . LYS A 1 57 ? -3.080  -14.918 5.921   1.00 100.00 ? 57  LYS A CD  1 
ATOM   454 C  CE  . LYS A 1 57 ? -3.439  -16.411 5.698   1.00 100.00 ? 57  LYS A CE  1 
ATOM   455 N  NZ  . LYS A 1 57 ? -2.791  -17.439 6.596   1.00 80.91  ? 57  LYS A NZ  1 
ATOM   456 N  N   . ASP A 1 58 ? -5.945  -10.608 4.317   1.00 21.78  ? 58  ASP A N   1 
ATOM   457 C  CA  . ASP A 1 58 ? -7.395  -10.426 4.161   1.00 15.73  ? 58  ASP A CA  1 
ATOM   458 C  C   . ASP A 1 58 ? -7.782  -10.068 2.727   1.00 28.09  ? 58  ASP A C   1 
ATOM   459 O  O   . ASP A 1 58 ? -8.871  -10.487 2.317   1.00 20.57  ? 58  ASP A O   1 
ATOM   460 C  CB  . ASP A 1 58 ? -7.978  -9.325  5.050   1.00 20.03  ? 58  ASP A CB  1 
ATOM   461 C  CG  . ASP A 1 58 ? -7.905  -9.703  6.506   1.00 33.09  ? 58  ASP A CG  1 
ATOM   462 O  OD1 . ASP A 1 58 ? -7.603  -10.906 6.717   1.00 28.53  ? 58  ASP A OD1 1 
ATOM   463 O  OD2 . ASP A 1 58 ? -8.050  -8.801  7.374   1.00 20.35  ? 58  ASP A OD2 1 
ATOM   464 N  N   . TYR A 1 59 ? -6.958  -9.285  2.005   1.00 15.87  ? 59  TYR A N   1 
ATOM   465 C  CA  . TYR A 1 59 ? -7.252  -8.869  0.635   1.00 15.91  ? 59  TYR A CA  1 
ATOM   466 C  C   . TYR A 1 59 ? -6.648  -9.843  -0.389  1.00 15.68  ? 59  TYR A C   1 
ATOM   467 O  O   . TYR A 1 59 ? -6.675  -9.605  -1.596  1.00 17.97  ? 59  TYR A O   1 
ATOM   468 C  CB  . TYR A 1 59 ? -6.757  -7.424  0.393   1.00 12.35  ? 59  TYR A CB  1 
ATOM   469 C  CG  . TYR A 1 59 ? -7.597  -6.397  1.090   1.00 14.10  ? 59  TYR A CG  1 
ATOM   470 C  CD1 . TYR A 1 59 ? -8.866  -6.103  0.667   1.00 12.97  ? 59  TYR A CD1 1 
ATOM   471 C  CD2 . TYR A 1 59 ? -7.129  -5.686  2.167   1.00 18.96  ? 59  TYR A CD2 1 
ATOM   472 C  CE1 . TYR A 1 59 ? -9.660  -5.162  1.307   1.00 20.77  ? 59  TYR A CE1 1 
ATOM   473 C  CE2 . TYR A 1 59 ? -7.942  -4.745  2.839   1.00 15.30  ? 59  TYR A CE2 1 
ATOM   474 C  CZ  . TYR A 1 59 ? -9.197  -4.476  2.403   1.00 17.67  ? 59  TYR A CZ  1 
ATOM   475 O  OH  . TYR A 1 59 ? -10.006 -3.532  3.036   1.00 21.55  ? 59  TYR A OH  1 
ATOM   476 N  N   . ASN A 1 60 ? -6.059  -10.921 0.107   1.00 12.64  ? 60  ASN A N   1 
ATOM   477 C  CA  . ASN A 1 60 ? -5.408  -11.865 -0.744  1.00 11.41  ? 60  ASN A CA  1 
ATOM   478 C  C   . ASN A 1 60 ? -4.345  -11.164 -1.624  1.00 21.05  ? 60  ASN A C   1 
ATOM   479 O  O   . ASN A 1 60 ? -4.213  -11.532 -2.799  1.00 17.73  ? 60  ASN A O   1 
ATOM   480 C  CB  . ASN A 1 60 ? -6.488  -12.642 -1.590  1.00 19.32  ? 60  ASN A CB  1 
ATOM   481 N  N   . ILE A 1 61 ? -3.630  -10.153 -1.111  1.00 14.46  ? 61  ILE A N   1 
ATOM   482 C  CA  . ILE A 1 61 ? -2.566  -9.482  -1.883  1.00 17.61  ? 61  ILE A CA  1 
ATOM   483 C  C   . ILE A 1 61 ? -1.427  -10.537 -2.032  1.00 15.84  ? 61  ILE A C   1 
ATOM   484 O  O   . ILE A 1 61 ? -1.201  -11.331 -1.102  1.00 18.76  ? 61  ILE A O   1 
ATOM   485 C  CB  . ILE A 1 61 ? -2.088  -8.187  -1.152  1.00 14.67  ? 61  ILE A CB  1 
ATOM   486 C  CG1 . ILE A 1 61 ? -3.207  -7.163  -1.253  1.00 12.83  ? 61  ILE A CG1 1 
ATOM   487 C  CG2 . ILE A 1 61 ? -0.738  -7.698  -1.650  1.00 14.20  ? 61  ILE A CG2 1 
ATOM   488 C  CD1 . ILE A 1 61 ? -3.068  -6.040  -0.263  1.00 16.69  ? 61  ILE A CD1 1 
ATOM   489 N  N   . GLU A 1 62 ? -0.759  -10.591 -3.193  1.00 11.00  ? 62  GLU A N   1 
ATOM   490 C  CA  . GLU A 1 62 ? 0.313   -11.559 -3.450  1.00 17.11  ? 62  GLU A CA  1 
ATOM   491 C  C   . GLU A 1 62 ? 1.599   -10.917 -3.979  1.00 25.57  ? 62  GLU A C   1 
ATOM   492 O  O   . GLU A 1 62 ? 1.649   -9.732  -4.302  1.00 15.79  ? 62  GLU A O   1 
ATOM   493 C  CB  . GLU A 1 62 ? -0.078  -12.514 -4.584  1.00 17.94  ? 62  GLU A CB  1 
ATOM   494 C  CG  . GLU A 1 62 ? -1.463  -13.006 -4.519  1.00 38.66  ? 62  GLU A CG  1 
ATOM   495 C  CD  . GLU A 1 62 ? -1.716  -14.188 -5.427  1.00 38.82  ? 62  GLU A CD  1 
ATOM   496 O  OE1 . GLU A 1 62 ? -1.054  -14.433 -6.460  1.00 62.68  ? 62  GLU A OE1 1 
ATOM   497 O  OE2 . GLU A 1 62 ? -2.591  -14.927 -4.975  1.00 33.47  ? 62  GLU A OE2 1 
ATOM   498 N  N   . GLY A 1 63 ? 2.650   -11.722 -4.116  1.00 13.77  ? 63  GLY A N   1 
ATOM   499 C  CA  . GLY A 1 63 ? 3.896   -11.189 -4.672  1.00 15.28  ? 63  GLY A CA  1 
ATOM   500 C  C   . GLY A 1 63 ? 3.618   -10.612 -6.060  1.00 16.19  ? 63  GLY A C   1 
ATOM   501 O  O   . GLY A 1 63 ? 2.933   -11.240 -6.877  1.00 16.86  ? 63  GLY A O   1 
ATOM   502 N  N   . GLY A 1 64 ? 4.132   -9.412  -6.333  1.00 12.84  ? 64  GLY A N   1 
ATOM   503 C  CA  . GLY A 1 64 ? 3.944   -8.757  -7.616  1.00 10.80  ? 64  GLY A CA  1 
ATOM   504 C  C   . GLY A 1 64 ? 2.629   -8.006  -7.743  1.00 6.40   ? 64  GLY A C   1 
ATOM   505 O  O   . GLY A 1 64 ? 2.384   -7.339  -8.752  1.00 12.26  ? 64  GLY A O   1 
ATOM   506 N  N   . SER A 1 65 ? 1.765   -8.048  -6.741  1.00 11.91  ? 65  SER A N   1 
ATOM   507 C  CA  . SER A 1 65 ? 0.488   -7.276  -6.812  1.00 14.68  ? 65  SER A CA  1 
ATOM   508 C  C   . SER A 1 65 ? 0.786   -5.777  -6.944  1.00 8.97   ? 65  SER A C   1 
ATOM   509 O  O   . SER A 1 65 ? 1.808   -5.300  -6.462  1.00 9.64   ? 65  SER A O   1 
ATOM   510 C  CB  . SER A 1 65 ? -0.334  -7.385  -5.533  1.00 11.81  ? 65  SER A CB  1 
ATOM   511 O  OG  . SER A 1 65 ? -0.875  -8.685  -5.399  1.00 12.65  ? 65  SER A OG  1 
ATOM   512 N  N   . VAL A 1 66 ? -0.074  -5.087  -7.679  1.00 10.88  ? 66  VAL A N   1 
ATOM   513 C  CA  . VAL A 1 66 ? 0.087   -3.629  -7.900  1.00 7.74   ? 66  VAL A CA  1 
ATOM   514 C  C   . VAL A 1 66 ? -1.058  -2.926  -7.177  1.00 10.26  ? 66  VAL A C   1 
ATOM   515 O  O   . VAL A 1 66 ? -2.222  -3.266  -7.410  1.00 10.92  ? 66  VAL A O   1 
ATOM   516 C  CB  . VAL A 1 66 ? 0.002   -3.324  -9.425  1.00 13.16  ? 66  VAL A CB  1 
ATOM   517 C  CG1 . VAL A 1 66 ? 0.002   -1.812  -9.706  1.00 12.54  ? 66  VAL A CG1 1 
ATOM   518 C  CG2 . VAL A 1 66 ? 1.184   -4.032  -10.045 1.00 9.39   ? 66  VAL A CG2 1 
ATOM   519 N  N   . LEU A 1 67 ? -0.748  -2.007  -6.259  1.00 5.97   ? 67  LEU A N   1 
ATOM   520 C  CA  . LEU A 1 67 ? -1.755  -1.220  -5.497  1.00 4.67   ? 67  LEU A CA  1 
ATOM   521 C  C   . LEU A 1 67 ? -1.707  0.208   -6.058  1.00 11.30  ? 67  LEU A C   1 
ATOM   522 O  O   . LEU A 1 67 ? -0.621  0.564   -6.560  1.00 10.90  ? 67  LEU A O   1 
ATOM   523 C  CB  . LEU A 1 67 ? -1.227  -1.034  -4.073  1.00 4.76   ? 67  LEU A CB  1 
ATOM   524 C  CG  . LEU A 1 67 ? -1.796  -2.133  -3.104  1.00 8.97   ? 67  LEU A CG  1 
ATOM   525 C  CD1 . LEU A 1 67 ? -1.251  -3.511  -3.540  1.00 10.58  ? 67  LEU A CD1 1 
ATOM   526 C  CD2 . LEU A 1 67 ? -1.389  -1.806  -1.673  1.00 8.29   ? 67  LEU A CD2 1 
ATOM   527 N  N   . HIS A 1 68 ? -2.787  1.000   -6.054  1.00 9.33   ? 68  HIS A N   1 
ATOM   528 C  CA  . HIS A 1 68 ? -2.621  2.384   -6.554  1.00 7.96   ? 68  HIS A CA  1 
ATOM   529 C  C   . HIS A 1 68 ? -2.690  3.356   -5.392  1.00 10.74  ? 68  HIS A C   1 
ATOM   530 O  O   . HIS A 1 68 ? -3.435  3.119   -4.443  1.00 11.66  ? 68  HIS A O   1 
ATOM   531 C  CB  . HIS A 1 68 ? -3.670  2.772   -7.602  1.00 10.45  ? 68  HIS A CB  1 
ATOM   532 C  CG  . HIS A 1 68 ? -3.413  2.148   -8.929  1.00 14.37  ? 68  HIS A CG  1 
ATOM   533 N  ND1 . HIS A 1 68 ? -3.602  0.796   -9.155  1.00 13.06  ? 68  HIS A ND1 1 
ATOM   534 C  CD2 . HIS A 1 68 ? -2.939  2.672   -10.084 1.00 17.15  ? 68  HIS A CD2 1 
ATOM   535 C  CE1 . HIS A 1 68 ? -3.301  0.529   -10.414 1.00 9.53   ? 68  HIS A CE1 1 
ATOM   536 N  NE2 . HIS A 1 68 ? -2.908  1.649   -10.994 1.00 17.52  ? 68  HIS A NE2 1 
ATOM   537 N  N   . LEU A 1 69 ? -1.839  4.375   -5.418  1.00 9.52   ? 69  LEU A N   1 
ATOM   538 C  CA  . LEU A 1 69 ? -1.834  5.363   -4.350  1.00 12.81  ? 69  LEU A CA  1 
ATOM   539 C  C   . LEU A 1 69 ? -2.473  6.665   -4.803  1.00 12.53  ? 69  LEU A C   1 
ATOM   540 O  O   . LEU A 1 69 ? -2.108  7.182   -5.849  1.00 13.35  ? 69  LEU A O   1 
ATOM   541 C  CB  . LEU A 1 69 ? -0.430  5.759   -3.885  1.00 11.91  ? 69  LEU A CB  1 
ATOM   542 C  CG  . LEU A 1 69 ? -0.421  6.850   -2.808  1.00 18.68  ? 69  LEU A CG  1 
ATOM   543 C  CD1 . LEU A 1 69 ? -0.856  6.443   -1.373  1.00 11.10  ? 69  LEU A CD1 1 
ATOM   544 C  CD2 . LEU A 1 69 ? 0.921   7.471   -2.787  1.00 29.15  ? 69  LEU A CD2 1 
ATOM   545 N  N   . VAL A 1 70 ? -3.405  7.182   -3.994  1.00 12.35  ? 70  VAL A N   1 
ATOM   546 C  CA  . VAL A 1 70 ? -4.056  8.488   -4.239  1.00 15.54  ? 70  VAL A CA  1 
ATOM   547 C  C   . VAL A 1 70 ? -3.820  9.295   -2.961  1.00 13.48  ? 70  VAL A C   1 
ATOM   548 O  O   . VAL A 1 70 ? -3.929  8.768   -1.865  1.00 12.26  ? 70  VAL A O   1 
ATOM   549 C  CB  . VAL A 1 70 ? -5.538  8.341   -4.467  1.00 23.69  ? 70  VAL A CB  1 
ATOM   550 C  CG1 . VAL A 1 70 ? -6.172  9.713   -4.439  1.00 35.24  ? 70  VAL A CG1 1 
ATOM   551 C  CG2 . VAL A 1 70 ? -5.722  7.685   -5.816  1.00 19.40  ? 70  VAL A CG2 1 
ATOM   552 N  N   . LEU A 1 71 ? -3.390  10.548  -3.078  1.00 20.36  ? 71  LEU A N   1 
ATOM   553 C  CA  . LEU A 1 71 ? -3.096  11.358  -1.886  1.00 22.52  ? 71  LEU A CA  1 
ATOM   554 C  C   . LEU A 1 71 ? -4.366  11.909  -1.305  1.00 30.81  ? 71  LEU A C   1 
ATOM   555 O  O   . LEU A 1 71 ? -5.222  12.399  -2.029  1.00 32.08  ? 71  LEU A O   1 
ATOM   556 C  CB  . LEU A 1 71 ? -2.111  12.504  -2.138  1.00 27.82  ? 71  LEU A CB  1 
ATOM   557 C  CG  . LEU A 1 71 ? -0.790  12.157  -1.481  1.00 37.50  ? 71  LEU A CG  1 
ATOM   558 C  CD1 . LEU A 1 71 ? -0.553  10.661  -1.617  1.00 49.29  ? 71  LEU A CD1 1 
ATOM   559 C  CD2 . LEU A 1 71 ? 0.314   12.987  -2.068  1.00 31.81  ? 71  LEU A CD2 1 
ATOM   560 N  N   . ALA A 1 72 ? -4.513  11.818  0.011   1.00 53.46  ? 72  ALA A N   1 
ATOM   561 C  CA  . ALA A 1 72 ? -5.779  12.252  0.547   1.00 66.13  ? 72  ALA A CA  1 
ATOM   562 C  C   . ALA A 1 72 ? -5.858  12.786  1.932   1.00 98.22  ? 72  ALA A C   1 
ATOM   563 O  O   . ALA A 1 72 ? -6.173  12.025  2.866   1.00 100.00 ? 72  ALA A O   1 
ATOM   564 C  CB  . ALA A 1 72 ? -6.595  11.046  0.571   1.00 71.51  ? 72  ALA A CB  1 
ATOM   565 N  N   . LEU A 1 73 ? -5.646  14.096  2.013   1.00 100.00 ? 73  LEU A N   1 
ATOM   566 C  CA  . LEU A 1 73 ? -5.759  14.866  3.252   1.00 100.00 ? 73  LEU A CA  1 
ATOM   567 C  C   . LEU A 1 73 ? -5.460  16.314  2.869   1.00 100.00 ? 73  LEU A C   1 
ATOM   568 O  O   . LEU A 1 73 ? -5.205  16.598  1.689   1.00 100.00 ? 73  LEU A O   1 
ATOM   569 C  CB  . LEU A 1 73 ? -4.897  14.378  4.436   1.00 100.00 ? 73  LEU A CB  1 
ATOM   570 C  CG  . LEU A 1 73 ? -5.553  14.369  5.832   1.00 100.00 ? 73  LEU A CG  1 
ATOM   571 C  CD1 . LEU A 1 73 ? -6.649  15.425  6.045   1.00 100.00 ? 73  LEU A CD1 1 
ATOM   572 C  CD2 . LEU A 1 73 ? -6.086  12.999  6.239   1.00 100.00 ? 73  LEU A CD2 1 
HETATM 573 ZN ZN  . ZN  B 2 .  ? 8.937   -10.167 0.882   1.00 16.90  ? 201 ZN  A ZN  1 
HETATM 574 ZN ZN  . ZN  C 2 .  ? -2.727  1.469   -13.114 1.00 28.23  ? 202 ZN  A ZN  1 
HETATM 575 C  C1  . EDO D 3 .  ? 11.171  0.647   -7.885  1.00 38.30  ? 301 EDO A C1  1 
HETATM 576 O  O1  . EDO D 3 .  ? 10.854  1.285   -9.166  1.00 38.51  ? 301 EDO A O1  1 
HETATM 577 C  C2  . EDO D 3 .  ? 11.584  1.664   -6.833  1.00 100.00 ? 301 EDO A C2  1 
HETATM 578 O  O2  . EDO D 3 .  ? 11.159  1.358   -5.502  1.00 20.26  ? 301 EDO A O2  1 
HETATM 579 C  C1  . EDO E 3 .  ? 5.347   10.398  10.791  1.00 27.94  ? 302 EDO A C1  1 
HETATM 580 O  O1  . EDO E 3 .  ? 5.420   11.273  11.955  1.00 65.76  ? 302 EDO A O1  1 
HETATM 581 C  C2  . EDO E 3 .  ? 3.938   10.021  10.347  1.00 25.37  ? 302 EDO A C2  1 
HETATM 582 O  O2  . EDO E 3 .  ? 3.248   9.263   11.322  1.00 47.07  ? 302 EDO A O2  1 
HETATM 583 C  C1  . EDO F 3 .  ? 4.768   -5.006  -12.193 1.00 100.00 ? 303 EDO A C1  1 
HETATM 584 O  O1  . EDO F 3 .  ? 4.013   -4.188  -13.134 1.00 56.42  ? 303 EDO A O1  1 
HETATM 585 C  C2  . EDO F 3 .  ? 3.862   -5.575  -11.123 1.00 41.65  ? 303 EDO A C2  1 
HETATM 586 O  O2  . EDO F 3 .  ? 4.353   -6.844  -10.700 1.00 25.47  ? 303 EDO A O2  1 
HETATM 587 O  O   . HOH G 4 .  ? -0.539  9.538   -6.001  1.00 12.34  ? 101 HOH A O   1 
HETATM 588 O  O   . HOH G 4 .  ? 9.786   -12.264 7.859   1.00 18.98  ? 102 HOH A O   1 
HETATM 589 O  O   . HOH G 4 .  ? -2.018  5.485   11.192  1.00 18.13  ? 103 HOH A O   1 
HETATM 590 O  O   . HOH G 4 .  ? -4.499  -1.460  -7.769  1.00 11.08  ? 104 HOH A O   1 
HETATM 591 O  O   . HOH G 4 .  ? -6.604  3.140   2.223   1.00 16.91  ? 105 HOH A O   1 
HETATM 592 O  O   . HOH G 4 .  ? 7.222   -13.082 2.207   1.00 17.85  ? 106 HOH A O   1 
HETATM 593 O  O   . HOH G 4 .  ? 2.729   -14.437 -3.330  1.00 22.34  ? 107 HOH A O   1 
HETATM 594 O  O   . HOH G 4 .  ? 1.898   10.940  -5.484  1.00 68.87  ? 108 HOH A O   1 
HETATM 595 O  O   . HOH G 4 .  ? -8.746  -5.967  12.089  1.00 18.46  ? 109 HOH A O   1 
HETATM 596 O  O   . HOH G 4 .  ? -7.442  -1.892  -8.128  1.00 18.87  ? 110 HOH A O   1 
HETATM 597 O  O   . HOH G 4 .  ? 13.765  0.042   -4.464  1.00 40.47  ? 111 HOH A O   1 
HETATM 598 O  O   . HOH G 4 .  ? -2.278  5.939   -8.611  1.00 15.66  ? 112 HOH A O   1 
HETATM 599 O  O   . HOH G 4 .  ? -8.415  -9.003  10.084  1.00 26.48  ? 113 HOH A O   1 
HETATM 600 O  O   . HOH G 4 .  ? -13.972 1.909   -2.275  1.00 38.84  ? 114 HOH A O   1 
HETATM 601 O  O   . HOH G 4 .  ? 3.263   -8.343  10.271  1.00 28.96  ? 115 HOH A O   1 
HETATM 602 O  O   . HOH G 4 .  ? -7.434  -12.337 8.733   1.00 36.42  ? 116 HOH A O   1 
HETATM 603 O  O   . HOH G 4 .  ? 4.704   4.545   -14.384 1.00 24.76  ? 117 HOH A O   1 
HETATM 604 O  O   . HOH G 4 .  ? 0.971   -5.217  11.309  1.00 29.09  ? 118 HOH A O   1 
HETATM 605 O  O   . HOH G 4 .  ? -2.735  -11.992 -8.335  1.00 30.30  ? 119 HOH A O   1 
HETATM 606 O  O   . HOH G 4 .  ? 13.113  8.377   3.960   1.00 36.63  ? 120 HOH A O   1 
HETATM 607 O  O   . HOH G 4 .  ? -11.844 -8.418  2.530   1.00 37.05  ? 121 HOH A O   1 
HETATM 608 O  O   . HOH G 4 .  ? 0.752   0.486   -14.197 1.00 21.65  ? 122 HOH A O   1 
HETATM 609 O  O   . HOH G 4 .  ? 10.155  4.926   -7.355  1.00 16.16  ? 123 HOH A O   1 
HETATM 610 O  O   . HOH G 4 .  ? 9.477   -7.874  4.857   1.00 38.56  ? 124 HOH A O   1 
HETATM 611 O  O   . HOH G 4 .  ? 0.119   3.557   12.171  1.00 24.67  ? 125 HOH A O   1 
HETATM 612 O  O   . HOH G 4 .  ? 12.241  -8.488  -1.467  1.00 29.06  ? 126 HOH A O   1 
HETATM 613 O  O   . HOH G 4 .  ? -4.561  6.735   5.796   1.00 28.42  ? 127 HOH A O   1 
HETATM 614 O  O   . HOH G 4 .  ? 7.490   13.022  0.833   1.00 35.43  ? 128 HOH A O   1 
HETATM 615 O  O   . HOH G 4 .  ? 2.880   0.666   13.839  1.00 39.02  ? 129 HOH A O   1 
HETATM 616 O  O   . HOH G 4 .  ? 4.072   10.619  -6.135  1.00 34.38  ? 130 HOH A O   1 
HETATM 617 O  O   . HOH G 4 .  ? 13.854  5.410   6.888   1.00 27.42  ? 131 HOH A O   1 
HETATM 618 O  O   . HOH G 4 .  ? 9.207   -13.444 9.989   1.00 42.15  ? 132 HOH A O   1 
HETATM 619 O  O   . HOH G 4 .  ? 3.798   0.978   -15.131 1.00 32.59  ? 133 HOH A O   1 
HETATM 620 O  O   . HOH G 4 .  ? 7.068   11.067  -10.416 1.00 29.25  ? 134 HOH A O   1 
HETATM 621 O  O   . HOH G 4 .  ? -10.196 1.054   9.271   1.00 38.64  ? 135 HOH A O   1 
HETATM 622 O  O   . HOH G 4 .  ? -5.088  -11.649 8.353   1.00 41.18  ? 136 HOH A O   1 
HETATM 623 O  O   . HOH G 4 .  ? -3.026  -9.509  -7.018  1.00 28.70  ? 137 HOH A O   1 
HETATM 624 O  O   . HOH G 4 .  ? 12.325  -2.458  -0.825  1.00 32.95  ? 138 HOH A O   1 
HETATM 625 O  O   . HOH G 4 .  ? 10.372  -1.849  1.311   1.00 22.94  ? 139 HOH A O   1 
HETATM 626 O  O   . HOH G 4 .  ? 6.674   -6.013  -8.868  1.00 45.97  ? 140 HOH A O   1 
HETATM 627 O  O   . HOH G 4 .  ? -1.582  2.767   -13.029 1.00 30.59  ? 141 HOH A O   1 
HETATM 628 O  O   . HOH G 4 .  ? 4.245   -13.846 12.038  1.00 47.22  ? 142 HOH A O   1 
HETATM 629 O  O   . HOH G 4 .  ? -8.560  5.759   6.245   1.00 54.96  ? 143 HOH A O   1 
HETATM 630 O  O   . HOH G 4 .  ? -12.562 1.994   4.365   1.00 49.89  ? 144 HOH A O   1 
HETATM 631 O  O   . HOH G 4 .  ? 3.821   -12.627 8.283   1.00 38.74  ? 145 HOH A O   1 
HETATM 632 O  O   . HOH G 4 .  ? 5.327   2.033   -17.957 1.00 55.34  ? 146 HOH A O   1 
HETATM 633 O  O   . HOH G 4 .  ? 12.903  -4.440  -9.460  1.00 40.67  ? 147 HOH A O   1 
HETATM 634 O  O   . HOH G 4 .  ? 9.016   -8.711  -8.776  1.00 53.32  ? 148 HOH A O   1 
HETATM 635 O  O   . HOH G 4 .  ? 5.616   4.955   -17.335 1.00 33.58  ? 149 HOH A O   1 
HETATM 636 O  O   . HOH G 4 .  ? -9.136  2.742   6.829   1.00 40.56  ? 150 HOH A O   1 
HETATM 637 O  O   . HOH G 4 .  ? -3.026  5.800   8.781   1.00 41.12  ? 151 HOH A O   1 
HETATM 638 O  O   . HOH G 4 .  ? -1.466  14.081  -5.292  1.00 62.42  ? 152 HOH A O   1 
HETATM 639 O  O   . HOH G 4 .  ? -1.396  0.184   -13.511 1.00 24.83  ? 153 HOH A O   1 
HETATM 640 O  O   . HOH G 4 .  ? -4.451  13.201  -4.740  1.00 50.74  ? 154 HOH A O   1 
HETATM 641 O  O   . HOH G 4 .  ? 9.961   -0.094  3.120   1.00 33.42  ? 155 HOH A O   1 
HETATM 642 O  O   . HOH G 4 .  ? 4.701   6.771   11.657  1.00 68.54  ? 156 HOH A O   1 
HETATM 643 O  O   . HOH G 4 .  ? -11.656 10.525  8.200   1.00 49.38  ? 157 HOH A O   1 
HETATM 644 O  O   . HOH G 4 .  ? -1.353  -9.104  12.554  1.00 56.32  ? 158 HOH A O   1 
HETATM 645 O  O   . HOH G 4 .  ? -2.582  -2.328  -17.357 1.00 44.50  ? 159 HOH A O   1 
HETATM 646 O  O   . HOH G 4 .  ? 9.091   16.896  -11.473 1.00 56.72  ? 160 HOH A O   1 
HETATM 647 O  O   . HOH G 4 .  ? 10.838  -1.050  11.110  1.00 40.89  ? 161 HOH A O   1 
HETATM 648 O  O   . HOH G 4 .  ? 9.187   -0.706  -10.565 1.00 51.56  ? 162 HOH A O   1 
HETATM 649 O  O   . HOH G 4 .  ? 8.860   -4.497  -12.014 1.00 54.39  ? 163 HOH A O   1 
HETATM 650 O  O   . HOH G 4 .  ? 13.608  -6.418  -8.274  1.00 60.95  ? 164 HOH A O   1 
HETATM 651 O  O   . HOH G 4 .  ? 7.011   -7.850  10.949  1.00 40.75  ? 165 HOH A O   1 
HETATM 652 O  O   . HOH G 4 .  ? 9.149   -0.269  5.571   1.00 49.18  ? 166 HOH A O   1 
HETATM 653 O  O   . HOH G 4 .  ? -6.138  -0.673  -12.893 1.00 49.49  ? 167 HOH A O   1 
HETATM 654 O  O   . HOH G 4 .  ? -11.224 -5.962  -9.374  1.00 60.25  ? 168 HOH A O   1 
HETATM 655 O  O   . HOH G 4 .  ? 9.877   -1.991  -12.549 1.00 62.15  ? 169 HOH A O   1 
HETATM 656 O  O   . HOH G 4 .  ? 6.579   -0.737  -15.186 1.00 53.47  ? 170 HOH A O   1 
HETATM 657 O  O   . HOH G 4 .  ? 2.878   -6.441  11.621  1.00 57.25  ? 171 HOH A O   1 
HETATM 658 O  O   . HOH G 4 .  ? 3.623   -14.258 -7.152  1.00 59.10  ? 172 HOH A O   1 
HETATM 659 O  O   . HOH G 4 .  ? -12.414 -3.612  2.493   1.00 41.98  ? 173 HOH A O   1 
HETATM 660 O  O   . HOH G 4 .  ? -7.051  -10.735 -4.229  1.00 44.91  ? 174 HOH A O   1 
HETATM 661 O  O   . HOH G 4 .  ? 2.205   -1.005  -13.110 1.00 47.27  ? 175 HOH A O   1 
# 
loop_
_pdbx_poly_seq_scheme.asym_id 
_pdbx_poly_seq_scheme.entity_id 
_pdbx_poly_seq_scheme.seq_id 
_pdbx_poly_seq_scheme.mon_id 
_pdbx_poly_seq_scheme.ndb_seq_num 
_pdbx_poly_seq_scheme.pdb_seq_num 
_pdbx_poly_seq_scheme.auth_seq_num 
_pdbx_poly_seq_scheme.pdb_mon_id 
_pdbx_poly_seq_scheme.auth_mon_id 
_pdbx_poly_seq_scheme.pdb_strand_id 
_pdbx_poly_seq_scheme.pdb_ins_code 
_pdbx_poly_seq_scheme.hetero 
A 1 1  MET 1  1  1  MET MET A . n 
A 1 2  LEU 2  2  2  LEU LEU A . n 
A 1 3  ILE 3  3  3  ILE ILE A . n 
A 1 4  LYS 4  4  4  LYS LYS A . n 
A 1 5  VAL 5  5  5  VAL VAL A . n 
A 1 6  LYS 6  6  6  LYS LYS A . n 
A 1 7  THR 7  7  7  THR THR A . n 
A 1 8  LEU 8  8  8  LEU LEU A . n 
A 1 9  THR 9  9  9  THR THR A . n 
A 1 10 GLY 10 10 10 GLY GLY A . n 
A 1 11 LYS 11 11 11 LYS LYS A . n 
A 1 12 GLU 12 12 12 GLU GLU A . n 
A 1 13 ILE 13 13 13 ILE ILE A . n 
A 1 14 GLU 14 14 14 GLU GLU A . n 
A 1 15 ILE 15 15 15 ILE ILE A . n 
A 1 16 ASP 16 16 16 ASP ASP A . n 
A 1 17 ILE 17 17 17 ILE ILE A . n 
A 1 18 GLU 18 18 18 GLU GLU A . n 
A 1 19 PRO 19 19 19 PRO PRO A . n 
A 1 20 THR 20 20 20 THR THR A . n 
A 1 21 ASP 21 21 21 ASP ASP A . n 
A 1 22 THR 22 22 22 THR THR A . n 
A 1 23 ILE 23 23 23 ILE ILE A . n 
A 1 24 ASP 24 24 24 ASP ASP A . n 
A 1 25 ARG 25 25 25 ARG ARG A . n 
A 1 26 ILE 26 26 26 ILE ILE A . n 
A 1 27 LYS 27 27 27 LYS LYS A . n 
A 1 28 GLU 28 28 28 GLU GLU A . n 
A 1 29 ARG 29 29 29 ARG ARG A . n 
A 1 30 VAL 30 30 30 VAL VAL A . n 
A 1 31 GLU 31 31 31 GLU GLU A . n 
A 1 32 GLU 32 32 32 GLU GLU A . n 
A 1 33 LYS 33 33 33 LYS LYS A . n 
A 1 34 GLU 34 34 34 GLU GLU A . n 
A 1 35 GLY 35 35 35 GLY GLY A . n 
A 1 36 ILE 36 36 36 ILE ILE A . n 
A 1 37 PRO 37 37 37 PRO PRO A . n 
A 1 38 PRO 38 38 38 PRO PRO A . n 
A 1 39 VAL 39 39 39 VAL VAL A . n 
A 1 40 GLN 40 40 40 GLN GLN A . n 
A 1 41 GLN 41 41 41 GLN GLN A . n 
A 1 42 ARG 42 42 42 ARG ARG A . n 
A 1 43 LEU 43 43 43 LEU LEU A . n 
A 1 44 ILE 44 44 44 ILE ILE A . n 
A 1 45 TYR 45 45 45 TYR TYR A . n 
A 1 46 ALA 46 46 46 ALA ALA A . n 
A 1 47 GLY 47 47 47 GLY GLY A . n 
A 1 48 LYS 48 48 48 LYS LYS A . n 
A 1 49 GLN 49 49 49 GLN GLN A . n 
A 1 50 LEU 50 50 50 LEU LEU A . n 
A 1 51 ALA 51 51 51 ALA ALA A . n 
A 1 52 ASP 52 52 52 ASP ASP A . n 
A 1 53 ASP 53 53 53 ASP ASP A . n 
A 1 54 LYS 54 54 54 LYS LYS A . n 
A 1 55 THR 55 55 55 THR THR A . n 
A 1 56 ALA 56 56 56 ALA ALA A . n 
A 1 57 LYS 57 57 57 LYS LYS A . n 
A 1 58 ASP 58 58 58 ASP ASP A . n 
A 1 59 TYR 59 59 59 TYR TYR A . n 
A 1 60 ASN 60 60 60 ASN ASN A . n 
A 1 61 ILE 61 61 61 ILE ILE A . n 
A 1 62 GLU 62 62 62 GLU GLU A . n 
A 1 63 GLY 63 63 63 GLY GLY A . n 
A 1 64 GLY 64 64 64 GLY GLY A . n 
A 1 65 SER 65 65 65 SER SER A . n 
A 1 66 VAL 66 66 66 VAL VAL A . n 
A 1 67 LEU 67 67 67 LEU LEU A . n 
A 1 68 HIS 68 68 68 HIS HIS A . n 
A 1 69 LEU 69 69 69 LEU LEU A . n 
A 1 70 VAL 70 70 70 VAL VAL A . n 
A 1 71 LEU 71 71 71 LEU LEU A . n 
A 1 72 ALA 72 72 72 ALA ALA A . n 
A 1 73 LEU 73 73 73 LEU LEU A . n 
A 1 74 ARG 74 74 ?  ?   ?   A . n 
A 1 75 GLY 75 75 ?  ?   ?   A . n 
A 1 76 GLY 76 76 ?  ?   ?   A . n 
# 
loop_
_pdbx_nonpoly_scheme.asym_id 
_pdbx_nonpoly_scheme.entity_id 
_pdbx_nonpoly_scheme.mon_id 
_pdbx_nonpoly_scheme.ndb_seq_num 
_pdbx_nonpoly_scheme.pdb_seq_num 
_pdbx_nonpoly_scheme.auth_seq_num 
_pdbx_nonpoly_scheme.pdb_mon_id 
_pdbx_nonpoly_scheme.auth_mon_id 
_pdbx_nonpoly_scheme.pdb_strand_id 
_pdbx_nonpoly_scheme.pdb_ins_code 
B 2 ZN  1  201 201 ZN  ZN  A . 
C 2 ZN  1  202 202 ZN  ZN  A . 
D 3 EDO 1  301 301 EDO EDO A . 
E 3 EDO 1  302 302 EDO EDO A . 
F 3 EDO 1  303 303 EDO EDO A . 
G 4 HOH 1  101 101 HOH HOH A . 
G 4 HOH 2  102 102 HOH HOH A . 
G 4 HOH 3  103 103 HOH HOH A . 
G 4 HOH 4  104 104 HOH HOH A . 
G 4 HOH 5  105 105 HOH HOH A . 
G 4 HOH 6  106 106 HOH HOH A . 
G 4 HOH 7  107 107 HOH HOH A . 
G 4 HOH 8  108 108 HOH HOH A . 
G 4 HOH 9  109 109 HOH HOH A . 
G 4 HOH 10 110 110 HOH HOH A . 
G 4 HOH 11 111 111 HOH HOH A . 
G 4 HOH 12 112 112 HOH HOH A . 
G 4 HOH 13 113 113 HOH HOH A . 
G 4 HOH 14 114 114 HOH HOH A . 
G 4 HOH 15 115 115 HOH HOH A . 
G 4 HOH 16 116 116 HOH HOH A . 
G 4 HOH 17 117 117 HOH HOH A . 
G 4 HOH 18 118 118 HOH HOH A . 
G 4 HOH 19 119 119 HOH HOH A . 
G 4 HOH 20 120 120 HOH HOH A . 
G 4 HOH 21 121 121 HOH HOH A . 
G 4 HOH 22 122 122 HOH HOH A . 
G 4 HOH 23 123 123 HOH HOH A . 
G 4 HOH 24 124 124 HOH HOH A . 
G 4 HOH 25 125 125 HOH HOH A . 
G 4 HOH 26 126 126 HOH HOH A . 
G 4 HOH 27 127 127 HOH HOH A . 
G 4 HOH 28 128 128 HOH HOH A . 
G 4 HOH 29 129 129 HOH HOH A . 
G 4 HOH 30 130 130 HOH HOH A . 
G 4 HOH 31 131 131 HOH HOH A . 
G 4 HOH 32 132 132 HOH HOH A . 
G 4 HOH 33 133 133 HOH HOH A . 
G 4 HOH 34 134 134 HOH HOH A . 
G 4 HOH 35 135 135 HOH HOH A . 
G 4 HOH 36 136 136 HOH HOH A . 
G 4 HOH 37 137 137 HOH HOH A . 
G 4 HOH 38 138 138 HOH HOH A . 
G 4 HOH 39 139 139 HOH HOH A . 
G 4 HOH 40 140 140 HOH HOH A . 
G 4 HOH 41 141 141 HOH HOH A . 
G 4 HOH 42 142 142 HOH HOH A . 
G 4 HOH 43 143 143 HOH HOH A . 
G 4 HOH 44 144 144 HOH HOH A . 
G 4 HOH 45 145 145 HOH HOH A . 
G 4 HOH 46 146 146 HOH HOH A . 
G 4 HOH 47 147 147 HOH HOH A . 
G 4 HOH 48 148 148 HOH HOH A . 
G 4 HOH 49 149 149 HOH HOH A . 
G 4 HOH 50 150 150 HOH HOH A . 
G 4 HOH 51 151 151 HOH HOH A . 
G 4 HOH 52 152 152 HOH HOH A . 
G 4 HOH 53 153 153 HOH HOH A . 
G 4 HOH 54 154 154 HOH HOH A . 
G 4 HOH 55 155 155 HOH HOH A . 
G 4 HOH 56 156 156 HOH HOH A . 
G 4 HOH 57 157 157 HOH HOH A . 
G 4 HOH 58 158 158 HOH HOH A . 
G 4 HOH 59 159 159 HOH HOH A . 
G 4 HOH 60 160 160 HOH HOH A . 
G 4 HOH 61 161 161 HOH HOH A . 
G 4 HOH 62 162 162 HOH HOH A . 
G 4 HOH 63 163 163 HOH HOH A . 
G 4 HOH 64 164 164 HOH HOH A . 
G 4 HOH 65 165 165 HOH HOH A . 
G 4 HOH 66 166 166 HOH HOH A . 
G 4 HOH 67 167 167 HOH HOH A . 
G 4 HOH 68 168 168 HOH HOH A . 
G 4 HOH 69 169 169 HOH HOH A . 
G 4 HOH 70 170 170 HOH HOH A . 
G 4 HOH 71 171 171 HOH HOH A . 
G 4 HOH 72 172 172 HOH HOH A . 
G 4 HOH 73 173 173 HOH HOH A . 
G 4 HOH 74 174 174 HOH HOH A . 
G 4 HOH 75 175 175 HOH HOH A . 
# 
_pdbx_struct_assembly.id                   1 
_pdbx_struct_assembly.details              author_defined_assembly 
_pdbx_struct_assembly.method_details       ? 
_pdbx_struct_assembly.oligomeric_details   monomeric 
_pdbx_struct_assembly.oligomeric_count     1 
# 
_pdbx_struct_assembly_gen.assembly_id       1 
_pdbx_struct_assembly_gen.oper_expression   1 
_pdbx_struct_assembly_gen.asym_id_list      A,B,C,D,E,F,G 
# 
_pdbx_struct_oper_list.id                   1 
_pdbx_struct_oper_list.type                 'identity operation' 
_pdbx_struct_oper_list.name                 1_555 
_pdbx_struct_oper_list.symmetry_operation   x,y,z 
_pdbx_struct_oper_list.matrix[1][1]         1.0000000000 
_pdbx_struct_oper_list.matrix[1][2]         0.0000000000 
_pdbx_struct_oper_list.matrix[1][3]         0.0000000000 
_pdbx_struct_oper_list.vector[1]            0.0000000000 
_pdbx_struct_oper_list.matrix[2][1]         0.0000000000 
_pdbx_struct_oper_list.matrix[2][2]         1.0000000000 
_pdbx_struct_oper_list.matrix[2][3]         0.0000000000 
_pdbx_struct_oper_list.vector[2]            0.0000000000 
_pdbx_struct_oper_list.matrix[3][1]         0.0000000000 
_pdbx_struct_oper_list.matrix[3][2]         0.0000000000 
_pdbx_struct_oper_list.matrix[3][3]         1.0000000000 
_pdbx_struct_oper_list.vector[3]            0.0000000000 
# 
loop_
_pdbx_struct_conn_angle.id 
_pdbx_struct_conn_angle.ptnr1_label_atom_id 
_pdbx_struct_conn_angle.ptnr1_label_alt_id 
_pdbx_struct_conn_angle.ptnr1_label_asym_id 
_pdbx_struct_conn_angle.ptnr1_label_comp_id 
_pdbx_struct_conn_angle.ptnr1_label_seq_id 
_pdbx_struct_conn_angle.ptnr1_auth_atom_id 
_pdbx_struct_conn_angle.ptnr1_auth_asym_id 
_pdbx_struct_conn_angle.ptnr1_auth_comp_id 
_pdbx_struct_conn_angle.ptnr1_auth_seq_id 
_pdbx_struct_conn_angle.ptnr1_PDB_ins_code 
_pdbx_struct_conn_angle.ptnr1_symmetry 
_pdbx_struct_conn_angle.ptnr2_label_atom_id 
_pdbx_struct_conn_angle.ptnr2_label_alt_id 
_pdbx_struct_conn_angle.ptnr2_label_asym_id 
_pdbx_struct_conn_angle.ptnr2_label_comp_id 
_pdbx_struct_conn_angle.ptnr2_label_seq_id 
_pdbx_struct_conn_angle.ptnr2_auth_atom_id 
_pdbx_struct_conn_angle.ptnr2_auth_asym_id 
_pdbx_struct_conn_angle.ptnr2_auth_comp_id 
_pdbx_struct_conn_angle.ptnr2_auth_seq_id 
_pdbx_struct_conn_angle.ptnr2_PDB_ins_code 
_pdbx_struct_conn_angle.ptnr2_symmetry 
_pdbx_struct_conn_angle.ptnr3_label_atom_id 
_pdbx_struct_conn_angle.ptnr3_label_alt_id 
_pdbx_struct_conn_angle.ptnr3_label_asym_id 
_pdbx_struct_conn_angle.ptnr3_label_comp_id 
_pdbx_struct_conn_angle.ptnr3_label_seq_id 
_pdbx_struct_conn_angle.ptnr3_auth_atom_id 
_pdbx_struct_conn_angle.ptnr3_auth_asym_id 
_pdbx_struct_conn_angle.ptnr3_auth_comp_id 
_pdbx_struct_conn_angle.ptnr3_auth_seq_id 
_pdbx_struct_conn_angle.ptnr3_PDB_ins_code 
_pdbx_struct_conn_angle.ptnr3_symmetry 
_pdbx_struct_conn_angle.value 
_pdbx_struct_conn_angle.value_esd 
1 N   ? A MET 1  ? A MET 1   ? 1_555 ZN ? B ZN . ? A ZN 201 ? 1_555 OD1 ? A ASP 16 ? A ASP 16  ? 1_555 105.1 ? 
2 NE2 ? A HIS 68 ? A HIS 68  ? 1_555 ZN ? C ZN . ? A ZN 202 ? 1_555 O   ? G HOH .  ? A HOH 141 ? 1_555 86.8  ? 
3 NE2 ? A HIS 68 ? A HIS 68  ? 1_555 ZN ? C ZN . ? A ZN 202 ? 1_555 O   ? G HOH .  ? A HOH 153 ? 1_555 109.0 ? 
4 O   ? G HOH .  ? A HOH 141 ? 1_555 ZN ? C ZN . ? A ZN 202 ? 1_555 O   ? G HOH .  ? A HOH 153 ? 1_555 93.1  ? 
# 
loop_
_pdbx_audit_revision_history.ordinal 
_pdbx_audit_revision_history.data_content_type 
_pdbx_audit_revision_history.major_revision 
_pdbx_audit_revision_history.minor_revision 
_pdbx_audit_revision_history.revision_date 
1 'Structure model' 1 0 1998-12-30 
2 'Structure model' 1 1 2008-04-27 
3 'Structure model' 1 2 2011-07-13 
4 'Structure model' 1 3 2017-10-04 
5 'Structure model' 1 4 2021-11-03 
6 'Structure model' 1 5 2023-08-09 
# 
_pdbx_audit_revision_details.ordinal             1 
_pdbx_audit_revision_details.revision_ordinal    1 
_pdbx_audit_revision_details.data_content_type   'Structure model' 
_pdbx_audit_revision_details.provider            repository 
_pdbx_audit_revision_details.type                'Initial release' 
_pdbx_audit_revision_details.description         ? 
_pdbx_audit_revision_details.details             ? 
# 
loop_
_pdbx_audit_revision_group.ordinal 
_pdbx_audit_revision_group.revision_ordinal 
_pdbx_audit_revision_group.data_content_type 
_pdbx_audit_revision_group.group 
1 2 'Structure model' 'Version format compliance' 
2 3 'Structure model' 'Version format compliance' 
3 4 'Structure model' 'Refinement description'    
4 5 'Structure model' 'Database references'       
5 5 'Structure model' 'Derived calculations'      
6 6 'Structure model' 'Data collection'           
7 6 'Structure model' 'Refinement description'    
# 
loop_
_pdbx_audit_revision_category.ordinal 
_pdbx_audit_revision_category.revision_ordinal 
_pdbx_audit_revision_category.data_content_type 
_pdbx_audit_revision_category.category 
1 4 'Structure model' software                      
2 5 'Structure model' database_2                    
3 5 'Structure model' pdbx_struct_conn_angle        
4 5 'Structure model' struct_conn                   
5 5 'Structure model' struct_ref_seq_dif            
6 5 'Structure model' struct_site                   
7 6 'Structure model' chem_comp_atom                
8 6 'Structure model' chem_comp_bond                
9 6 'Structure model' pdbx_initial_refinement_model 
# 
loop_
_pdbx_audit_revision_item.ordinal 
_pdbx_audit_revision_item.revision_ordinal 
_pdbx_audit_revision_item.data_content_type 
_pdbx_audit_revision_item.item 
1  4 'Structure model' '_software.name'                              
2  5 'Structure model' '_database_2.pdbx_DOI'                        
3  5 'Structure model' '_database_2.pdbx_database_accession'         
4  5 'Structure model' '_pdbx_struct_conn_angle.ptnr1_auth_comp_id'  
5  5 'Structure model' '_pdbx_struct_conn_angle.ptnr1_auth_seq_id'   
6  5 'Structure model' '_pdbx_struct_conn_angle.ptnr1_label_asym_id' 
7  5 'Structure model' '_pdbx_struct_conn_angle.ptnr1_label_atom_id' 
8  5 'Structure model' '_pdbx_struct_conn_angle.ptnr1_label_comp_id' 
9  5 'Structure model' '_pdbx_struct_conn_angle.ptnr1_label_seq_id'  
10 5 'Structure model' '_pdbx_struct_conn_angle.ptnr3_auth_comp_id'  
11 5 'Structure model' '_pdbx_struct_conn_angle.ptnr3_auth_seq_id'   
12 5 'Structure model' '_pdbx_struct_conn_angle.ptnr3_label_asym_id' 
13 5 'Structure model' '_pdbx_struct_conn_angle.ptnr3_label_atom_id' 
14 5 'Structure model' '_pdbx_struct_conn_angle.ptnr3_label_comp_id' 
15 5 'Structure model' '_pdbx_struct_conn_angle.ptnr3_label_seq_id'  
16 5 'Structure model' '_pdbx_struct_conn_angle.value'               
17 5 'Structure model' '_struct_conn.pdbx_dist_value'                
18 5 'Structure model' '_struct_conn.ptnr1_auth_comp_id'             
19 5 'Structure model' '_struct_conn.ptnr1_auth_seq_id'              
20 5 'Structure model' '_struct_conn.ptnr1_label_asym_id'            
21 5 'Structure model' '_struct_conn.ptnr1_label_atom_id'            
22 5 'Structure model' '_struct_conn.ptnr1_label_comp_id'            
23 5 'Structure model' '_struct_conn.ptnr1_label_seq_id'             
24 5 'Structure model' '_struct_conn.ptnr2_auth_comp_id'             
25 5 'Structure model' '_struct_conn.ptnr2_auth_seq_id'              
26 5 'Structure model' '_struct_conn.ptnr2_label_asym_id'            
27 5 'Structure model' '_struct_conn.ptnr2_label_atom_id'            
28 5 'Structure model' '_struct_conn.ptnr2_label_comp_id'            
29 5 'Structure model' '_struct_conn.ptnr2_label_seq_id'             
30 5 'Structure model' '_struct_ref_seq_dif.details'                 
31 5 'Structure model' '_struct_site.pdbx_auth_asym_id'              
32 5 'Structure model' '_struct_site.pdbx_auth_comp_id'              
33 5 'Structure model' '_struct_site.pdbx_auth_seq_id'               
# 
loop_
_software.name 
_software.classification 
_software.version 
_software.citation_id 
_software.pdbx_ordinal 
AMoRE    phasing          .           ? 1 
TNT      refinement       .           ? 2 
XDS      'data reduction' .           ? 3 
CCP4     'data scaling'   '(AGROVATA' ? 4 
ROTAVATA 'data scaling'   .           ? 5 
# 
loop_
_pdbx_validate_rmsd_angle.id 
_pdbx_validate_rmsd_angle.PDB_model_num 
_pdbx_validate_rmsd_angle.auth_atom_id_1 
_pdbx_validate_rmsd_angle.auth_asym_id_1 
_pdbx_validate_rmsd_angle.auth_comp_id_1 
_pdbx_validate_rmsd_angle.auth_seq_id_1 
_pdbx_validate_rmsd_angle.PDB_ins_code_1 
_pdbx_validate_rmsd_angle.label_alt_id_1 
_pdbx_validate_rmsd_angle.auth_atom_id_2 
_pdbx_validate_rmsd_angle.auth_asym_id_2 
_pdbx_validate_rmsd_angle.auth_comp_id_2 
_pdbx_validate_rmsd_angle.auth_seq_id_2 
_pdbx_validate_rmsd_angle.PDB_ins_code_2 
_pdbx_validate_rmsd_angle.label_alt_id_2 
_pdbx_validate_rmsd_angle.auth_atom_id_3 
_pdbx_validate_rmsd_angle.auth_asym_id_3 
_pdbx_validate_rmsd_angle.auth_comp_id_3 
_pdbx_validate_rmsd_angle.auth_seq_id_3 
_pdbx_validate_rmsd_angle.PDB_ins_code_3 
_pdbx_validate_rmsd_angle.label_alt_id_3 
_pdbx_validate_rmsd_angle.angle_value 
_pdbx_validate_rmsd_angle.angle_target_value 
_pdbx_validate_rmsd_angle.angle_deviation 
_pdbx_validate_rmsd_angle.angle_standard_deviation 
_pdbx_validate_rmsd_angle.linker_flag 
1 1 NE A ARG 25 ? ? CZ A ARG 25 ? ? NH2 A ARG 25 ? ? 116.51 120.30 -3.79 0.50 N 
2 1 NE A ARG 29 ? ? CZ A ARG 29 ? ? NH1 A ARG 29 ? ? 124.35 120.30 4.05  0.50 N 
# 
_pdbx_validate_torsion.id              1 
_pdbx_validate_torsion.PDB_model_num   1 
_pdbx_validate_torsion.auth_comp_id    ALA 
_pdbx_validate_torsion.auth_asym_id    A 
_pdbx_validate_torsion.auth_seq_id     72 
_pdbx_validate_torsion.PDB_ins_code    ? 
_pdbx_validate_torsion.label_alt_id    ? 
_pdbx_validate_torsion.phi             -151.64 
_pdbx_validate_torsion.psi             88.39 
# 
loop_
_pdbx_unobs_or_zero_occ_atoms.id 
_pdbx_unobs_or_zero_occ_atoms.PDB_model_num 
_pdbx_unobs_or_zero_occ_atoms.polymer_flag 
_pdbx_unobs_or_zero_occ_atoms.occupancy_flag 
_pdbx_unobs_or_zero_occ_atoms.auth_asym_id 
_pdbx_unobs_or_zero_occ_atoms.auth_comp_id 
_pdbx_unobs_or_zero_occ_atoms.auth_seq_id 
_pdbx_unobs_or_zero_occ_atoms.PDB_ins_code 
_pdbx_unobs_or_zero_occ_atoms.auth_atom_id 
_pdbx_unobs_or_zero_occ_atoms.label_alt_id 
_pdbx_unobs_or_zero_occ_atoms.label_asym_id 
_pdbx_unobs_or_zero_occ_atoms.label_comp_id 
_pdbx_unobs_or_zero_occ_atoms.label_seq_id 
_pdbx_unobs_or_zero_occ_atoms.label_atom_id 
1 1 Y 1 A ASN 60 ? CG  ? A ASN 60 CG  
2 1 Y 1 A ASN 60 ? OD1 ? A ASN 60 OD1 
3 1 Y 1 A ASN 60 ? ND2 ? A ASN 60 ND2 
# 
loop_
_pdbx_unobs_or_zero_occ_residues.id 
_pdbx_unobs_or_zero_occ_residues.PDB_model_num 
_pdbx_unobs_or_zero_occ_residues.polymer_flag 
_pdbx_unobs_or_zero_occ_residues.occupancy_flag 
_pdbx_unobs_or_zero_occ_residues.auth_asym_id 
_pdbx_unobs_or_zero_occ_residues.auth_comp_id 
_pdbx_unobs_or_zero_occ_residues.auth_seq_id 
_pdbx_unobs_or_zero_occ_residues.PDB_ins_code 
_pdbx_unobs_or_zero_occ_residues.label_asym_id 
_pdbx_unobs_or_zero_occ_residues.label_comp_id 
_pdbx_unobs_or_zero_occ_residues.label_seq_id 
1 1 Y 1 A ARG 74 ? A ARG 74 
2 1 Y 1 A GLY 75 ? A GLY 75 
3 1 Y 1 A GLY 76 ? A GLY 76 
# 
loop_
_chem_comp_atom.comp_id 
_chem_comp_atom.atom_id 
_chem_comp_atom.type_symbol 
_chem_comp_atom.pdbx_aromatic_flag 
_chem_comp_atom.pdbx_stereo_config 
_chem_comp_atom.pdbx_ordinal 
ALA N    N  N N 1   
ALA CA   C  N S 2   
ALA C    C  N N 3   
ALA O    O  N N 4   
ALA CB   C  N N 5   
ALA OXT  O  N N 6   
ALA H    H  N N 7   
ALA H2   H  N N 8   
ALA HA   H  N N 9   
ALA HB1  H  N N 10  
ALA HB2  H  N N 11  
ALA HB3  H  N N 12  
ALA HXT  H  N N 13  
ARG N    N  N N 14  
ARG CA   C  N S 15  
ARG C    C  N N 16  
ARG O    O  N N 17  
ARG CB   C  N N 18  
ARG CG   C  N N 19  
ARG CD   C  N N 20  
ARG NE   N  N N 21  
ARG CZ   C  N N 22  
ARG NH1  N  N N 23  
ARG NH2  N  N N 24  
ARG OXT  O  N N 25  
ARG H    H  N N 26  
ARG H2   H  N N 27  
ARG HA   H  N N 28  
ARG HB2  H  N N 29  
ARG HB3  H  N N 30  
ARG HG2  H  N N 31  
ARG HG3  H  N N 32  
ARG HD2  H  N N 33  
ARG HD3  H  N N 34  
ARG HE   H  N N 35  
ARG HH11 H  N N 36  
ARG HH12 H  N N 37  
ARG HH21 H  N N 38  
ARG HH22 H  N N 39  
ARG HXT  H  N N 40  
ASN N    N  N N 41  
ASN CA   C  N S 42  
ASN C    C  N N 43  
ASN O    O  N N 44  
ASN CB   C  N N 45  
ASN CG   C  N N 46  
ASN OD1  O  N N 47  
ASN ND2  N  N N 48  
ASN OXT  O  N N 49  
ASN H    H  N N 50  
ASN H2   H  N N 51  
ASN HA   H  N N 52  
ASN HB2  H  N N 53  
ASN HB3  H  N N 54  
ASN HD21 H  N N 55  
ASN HD22 H  N N 56  
ASN HXT  H  N N 57  
ASP N    N  N N 58  
ASP CA   C  N S 59  
ASP C    C  N N 60  
ASP O    O  N N 61  
ASP CB   C  N N 62  
ASP CG   C  N N 63  
ASP OD1  O  N N 64  
ASP OD2  O  N N 65  
ASP OXT  O  N N 66  
ASP H    H  N N 67  
ASP H2   H  N N 68  
ASP HA   H  N N 69  
ASP HB2  H  N N 70  
ASP HB3  H  N N 71  
ASP HD2  H  N N 72  
ASP HXT  H  N N 73  
EDO C1   C  N N 74  
EDO O1   O  N N 75  
EDO C2   C  N N 76  
EDO O2   O  N N 77  
EDO H11  H  N N 78  
EDO H12  H  N N 79  
EDO HO1  H  N N 80  
EDO H21  H  N N 81  
EDO H22  H  N N 82  
EDO HO2  H  N N 83  
GLN N    N  N N 84  
GLN CA   C  N S 85  
GLN C    C  N N 86  
GLN O    O  N N 87  
GLN CB   C  N N 88  
GLN CG   C  N N 89  
GLN CD   C  N N 90  
GLN OE1  O  N N 91  
GLN NE2  N  N N 92  
GLN OXT  O  N N 93  
GLN H    H  N N 94  
GLN H2   H  N N 95  
GLN HA   H  N N 96  
GLN HB2  H  N N 97  
GLN HB3  H  N N 98  
GLN HG2  H  N N 99  
GLN HG3  H  N N 100 
GLN HE21 H  N N 101 
GLN HE22 H  N N 102 
GLN HXT  H  N N 103 
GLU N    N  N N 104 
GLU CA   C  N S 105 
GLU C    C  N N 106 
GLU O    O  N N 107 
GLU CB   C  N N 108 
GLU CG   C  N N 109 
GLU CD   C  N N 110 
GLU OE1  O  N N 111 
GLU OE2  O  N N 112 
GLU OXT  O  N N 113 
GLU H    H  N N 114 
GLU H2   H  N N 115 
GLU HA   H  N N 116 
GLU HB2  H  N N 117 
GLU HB3  H  N N 118 
GLU HG2  H  N N 119 
GLU HG3  H  N N 120 
GLU HE2  H  N N 121 
GLU HXT  H  N N 122 
GLY N    N  N N 123 
GLY CA   C  N N 124 
GLY C    C  N N 125 
GLY O    O  N N 126 
GLY OXT  O  N N 127 
GLY H    H  N N 128 
GLY H2   H  N N 129 
GLY HA2  H  N N 130 
GLY HA3  H  N N 131 
GLY HXT  H  N N 132 
HIS N    N  N N 133 
HIS CA   C  N S 134 
HIS C    C  N N 135 
HIS O    O  N N 136 
HIS CB   C  N N 137 
HIS CG   C  Y N 138 
HIS ND1  N  Y N 139 
HIS CD2  C  Y N 140 
HIS CE1  C  Y N 141 
HIS NE2  N  Y N 142 
HIS OXT  O  N N 143 
HIS H    H  N N 144 
HIS H2   H  N N 145 
HIS HA   H  N N 146 
HIS HB2  H  N N 147 
HIS HB3  H  N N 148 
HIS HD1  H  N N 149 
HIS HD2  H  N N 150 
HIS HE1  H  N N 151 
HIS HE2  H  N N 152 
HIS HXT  H  N N 153 
HOH O    O  N N 154 
HOH H1   H  N N 155 
HOH H2   H  N N 156 
ILE N    N  N N 157 
ILE CA   C  N S 158 
ILE C    C  N N 159 
ILE O    O  N N 160 
ILE CB   C  N S 161 
ILE CG1  C  N N 162 
ILE CG2  C  N N 163 
ILE CD1  C  N N 164 
ILE OXT  O  N N 165 
ILE H    H  N N 166 
ILE H2   H  N N 167 
ILE HA   H  N N 168 
ILE HB   H  N N 169 
ILE HG12 H  N N 170 
ILE HG13 H  N N 171 
ILE HG21 H  N N 172 
ILE HG22 H  N N 173 
ILE HG23 H  N N 174 
ILE HD11 H  N N 175 
ILE HD12 H  N N 176 
ILE HD13 H  N N 177 
ILE HXT  H  N N 178 
LEU N    N  N N 179 
LEU CA   C  N S 180 
LEU C    C  N N 181 
LEU O    O  N N 182 
LEU CB   C  N N 183 
LEU CG   C  N N 184 
LEU CD1  C  N N 185 
LEU CD2  C  N N 186 
LEU OXT  O  N N 187 
LEU H    H  N N 188 
LEU H2   H  N N 189 
LEU HA   H  N N 190 
LEU HB2  H  N N 191 
LEU HB3  H  N N 192 
LEU HG   H  N N 193 
LEU HD11 H  N N 194 
LEU HD12 H  N N 195 
LEU HD13 H  N N 196 
LEU HD21 H  N N 197 
LEU HD22 H  N N 198 
LEU HD23 H  N N 199 
LEU HXT  H  N N 200 
LYS N    N  N N 201 
LYS CA   C  N S 202 
LYS C    C  N N 203 
LYS O    O  N N 204 
LYS CB   C  N N 205 
LYS CG   C  N N 206 
LYS CD   C  N N 207 
LYS CE   C  N N 208 
LYS NZ   N  N N 209 
LYS OXT  O  N N 210 
LYS H    H  N N 211 
LYS H2   H  N N 212 
LYS HA   H  N N 213 
LYS HB2  H  N N 214 
LYS HB3  H  N N 215 
LYS HG2  H  N N 216 
LYS HG3  H  N N 217 
LYS HD2  H  N N 218 
LYS HD3  H  N N 219 
LYS HE2  H  N N 220 
LYS HE3  H  N N 221 
LYS HZ1  H  N N 222 
LYS HZ2  H  N N 223 
LYS HZ3  H  N N 224 
LYS HXT  H  N N 225 
MET N    N  N N 226 
MET CA   C  N S 227 
MET C    C  N N 228 
MET O    O  N N 229 
MET CB   C  N N 230 
MET CG   C  N N 231 
MET SD   S  N N 232 
MET CE   C  N N 233 
MET OXT  O  N N 234 
MET H    H  N N 235 
MET H2   H  N N 236 
MET HA   H  N N 237 
MET HB2  H  N N 238 
MET HB3  H  N N 239 
MET HG2  H  N N 240 
MET HG3  H  N N 241 
MET HE1  H  N N 242 
MET HE2  H  N N 243 
MET HE3  H  N N 244 
MET HXT  H  N N 245 
PRO N    N  N N 246 
PRO CA   C  N S 247 
PRO C    C  N N 248 
PRO O    O  N N 249 
PRO CB   C  N N 250 
PRO CG   C  N N 251 
PRO CD   C  N N 252 
PRO OXT  O  N N 253 
PRO H    H  N N 254 
PRO HA   H  N N 255 
PRO HB2  H  N N 256 
PRO HB3  H  N N 257 
PRO HG2  H  N N 258 
PRO HG3  H  N N 259 
PRO HD2  H  N N 260 
PRO HD3  H  N N 261 
PRO HXT  H  N N 262 
SER N    N  N N 263 
SER CA   C  N S 264 
SER C    C  N N 265 
SER O    O  N N 266 
SER CB   C  N N 267 
SER OG   O  N N 268 
SER OXT  O  N N 269 
SER H    H  N N 270 
SER H2   H  N N 271 
SER HA   H  N N 272 
SER HB2  H  N N 273 
SER HB3  H  N N 274 
SER HG   H  N N 275 
SER HXT  H  N N 276 
THR N    N  N N 277 
THR CA   C  N S 278 
THR C    C  N N 279 
THR O    O  N N 280 
THR CB   C  N R 281 
THR OG1  O  N N 282 
THR CG2  C  N N 283 
THR OXT  O  N N 284 
THR H    H  N N 285 
THR H2   H  N N 286 
THR HA   H  N N 287 
THR HB   H  N N 288 
THR HG1  H  N N 289 
THR HG21 H  N N 290 
THR HG22 H  N N 291 
THR HG23 H  N N 292 
THR HXT  H  N N 293 
TYR N    N  N N 294 
TYR CA   C  N S 295 
TYR C    C  N N 296 
TYR O    O  N N 297 
TYR CB   C  N N 298 
TYR CG   C  Y N 299 
TYR CD1  C  Y N 300 
TYR CD2  C  Y N 301 
TYR CE1  C  Y N 302 
TYR CE2  C  Y N 303 
TYR CZ   C  Y N 304 
TYR OH   O  N N 305 
TYR OXT  O  N N 306 
TYR H    H  N N 307 
TYR H2   H  N N 308 
TYR HA   H  N N 309 
TYR HB2  H  N N 310 
TYR HB3  H  N N 311 
TYR HD1  H  N N 312 
TYR HD2  H  N N 313 
TYR HE1  H  N N 314 
TYR HE2  H  N N 315 
TYR HH   H  N N 316 
TYR HXT  H  N N 317 
VAL N    N  N N 318 
VAL CA   C  N S 319 
VAL C    C  N N 320 
VAL O    O  N N 321 
VAL CB   C  N N 322 
VAL CG1  C  N N 323 
VAL CG2  C  N N 324 
VAL OXT  O  N N 325 
VAL H    H  N N 326 
VAL H2   H  N N 327 
VAL HA   H  N N 328 
VAL HB   H  N N 329 
VAL HG11 H  N N 330 
VAL HG12 H  N N 331 
VAL HG13 H  N N 332 
VAL HG21 H  N N 333 
VAL HG22 H  N N 334 
VAL HG23 H  N N 335 
VAL HXT  H  N N 336 
ZN  ZN   ZN N N 337 
# 
loop_
_chem_comp_bond.comp_id 
_chem_comp_bond.atom_id_1 
_chem_comp_bond.atom_id_2 
_chem_comp_bond.value_order 
_chem_comp_bond.pdbx_aromatic_flag 
_chem_comp_bond.pdbx_stereo_config 
_chem_comp_bond.pdbx_ordinal 
ALA N   CA   sing N N 1   
ALA N   H    sing N N 2   
ALA N   H2   sing N N 3   
ALA CA  C    sing N N 4   
ALA CA  CB   sing N N 5   
ALA CA  HA   sing N N 6   
ALA C   O    doub N N 7   
ALA C   OXT  sing N N 8   
ALA CB  HB1  sing N N 9   
ALA CB  HB2  sing N N 10  
ALA CB  HB3  sing N N 11  
ALA OXT HXT  sing N N 12  
ARG N   CA   sing N N 13  
ARG N   H    sing N N 14  
ARG N   H2   sing N N 15  
ARG CA  C    sing N N 16  
ARG CA  CB   sing N N 17  
ARG CA  HA   sing N N 18  
ARG C   O    doub N N 19  
ARG C   OXT  sing N N 20  
ARG CB  CG   sing N N 21  
ARG CB  HB2  sing N N 22  
ARG CB  HB3  sing N N 23  
ARG CG  CD   sing N N 24  
ARG CG  HG2  sing N N 25  
ARG CG  HG3  sing N N 26  
ARG CD  NE   sing N N 27  
ARG CD  HD2  sing N N 28  
ARG CD  HD3  sing N N 29  
ARG NE  CZ   sing N N 30  
ARG NE  HE   sing N N 31  
ARG CZ  NH1  sing N N 32  
ARG CZ  NH2  doub N N 33  
ARG NH1 HH11 sing N N 34  
ARG NH1 HH12 sing N N 35  
ARG NH2 HH21 sing N N 36  
ARG NH2 HH22 sing N N 37  
ARG OXT HXT  sing N N 38  
ASN N   CA   sing N N 39  
ASN N   H    sing N N 40  
ASN N   H2   sing N N 41  
ASN CA  C    sing N N 42  
ASN CA  CB   sing N N 43  
ASN CA  HA   sing N N 44  
ASN C   O    doub N N 45  
ASN C   OXT  sing N N 46  
ASN CB  CG   sing N N 47  
ASN CB  HB2  sing N N 48  
ASN CB  HB3  sing N N 49  
ASN CG  OD1  doub N N 50  
ASN CG  ND2  sing N N 51  
ASN ND2 HD21 sing N N 52  
ASN ND2 HD22 sing N N 53  
ASN OXT HXT  sing N N 54  
ASP N   CA   sing N N 55  
ASP N   H    sing N N 56  
ASP N   H2   sing N N 57  
ASP CA  C    sing N N 58  
ASP CA  CB   sing N N 59  
ASP CA  HA   sing N N 60  
ASP C   O    doub N N 61  
ASP C   OXT  sing N N 62  
ASP CB  CG   sing N N 63  
ASP CB  HB2  sing N N 64  
ASP CB  HB3  sing N N 65  
ASP CG  OD1  doub N N 66  
ASP CG  OD2  sing N N 67  
ASP OD2 HD2  sing N N 68  
ASP OXT HXT  sing N N 69  
EDO C1  O1   sing N N 70  
EDO C1  C2   sing N N 71  
EDO C1  H11  sing N N 72  
EDO C1  H12  sing N N 73  
EDO O1  HO1  sing N N 74  
EDO C2  O2   sing N N 75  
EDO C2  H21  sing N N 76  
EDO C2  H22  sing N N 77  
EDO O2  HO2  sing N N 78  
GLN N   CA   sing N N 79  
GLN N   H    sing N N 80  
GLN N   H2   sing N N 81  
GLN CA  C    sing N N 82  
GLN CA  CB   sing N N 83  
GLN CA  HA   sing N N 84  
GLN C   O    doub N N 85  
GLN C   OXT  sing N N 86  
GLN CB  CG   sing N N 87  
GLN CB  HB2  sing N N 88  
GLN CB  HB3  sing N N 89  
GLN CG  CD   sing N N 90  
GLN CG  HG2  sing N N 91  
GLN CG  HG3  sing N N 92  
GLN CD  OE1  doub N N 93  
GLN CD  NE2  sing N N 94  
GLN NE2 HE21 sing N N 95  
GLN NE2 HE22 sing N N 96  
GLN OXT HXT  sing N N 97  
GLU N   CA   sing N N 98  
GLU N   H    sing N N 99  
GLU N   H2   sing N N 100 
GLU CA  C    sing N N 101 
GLU CA  CB   sing N N 102 
GLU CA  HA   sing N N 103 
GLU C   O    doub N N 104 
GLU C   OXT  sing N N 105 
GLU CB  CG   sing N N 106 
GLU CB  HB2  sing N N 107 
GLU CB  HB3  sing N N 108 
GLU CG  CD   sing N N 109 
GLU CG  HG2  sing N N 110 
GLU CG  HG3  sing N N 111 
GLU CD  OE1  doub N N 112 
GLU CD  OE2  sing N N 113 
GLU OE2 HE2  sing N N 114 
GLU OXT HXT  sing N N 115 
GLY N   CA   sing N N 116 
GLY N   H    sing N N 117 
GLY N   H2   sing N N 118 
GLY CA  C    sing N N 119 
GLY CA  HA2  sing N N 120 
GLY CA  HA3  sing N N 121 
GLY C   O    doub N N 122 
GLY C   OXT  sing N N 123 
GLY OXT HXT  sing N N 124 
HIS N   CA   sing N N 125 
HIS N   H    sing N N 126 
HIS N   H2   sing N N 127 
HIS CA  C    sing N N 128 
HIS CA  CB   sing N N 129 
HIS CA  HA   sing N N 130 
HIS C   O    doub N N 131 
HIS C   OXT  sing N N 132 
HIS CB  CG   sing N N 133 
HIS CB  HB2  sing N N 134 
HIS CB  HB3  sing N N 135 
HIS CG  ND1  sing Y N 136 
HIS CG  CD2  doub Y N 137 
HIS ND1 CE1  doub Y N 138 
HIS ND1 HD1  sing N N 139 
HIS CD2 NE2  sing Y N 140 
HIS CD2 HD2  sing N N 141 
HIS CE1 NE2  sing Y N 142 
HIS CE1 HE1  sing N N 143 
HIS NE2 HE2  sing N N 144 
HIS OXT HXT  sing N N 145 
HOH O   H1   sing N N 146 
HOH O   H2   sing N N 147 
ILE N   CA   sing N N 148 
ILE N   H    sing N N 149 
ILE N   H2   sing N N 150 
ILE CA  C    sing N N 151 
ILE CA  CB   sing N N 152 
ILE CA  HA   sing N N 153 
ILE C   O    doub N N 154 
ILE C   OXT  sing N N 155 
ILE CB  CG1  sing N N 156 
ILE CB  CG2  sing N N 157 
ILE CB  HB   sing N N 158 
ILE CG1 CD1  sing N N 159 
ILE CG1 HG12 sing N N 160 
ILE CG1 HG13 sing N N 161 
ILE CG2 HG21 sing N N 162 
ILE CG2 HG22 sing N N 163 
ILE CG2 HG23 sing N N 164 
ILE CD1 HD11 sing N N 165 
ILE CD1 HD12 sing N N 166 
ILE CD1 HD13 sing N N 167 
ILE OXT HXT  sing N N 168 
LEU N   CA   sing N N 169 
LEU N   H    sing N N 170 
LEU N   H2   sing N N 171 
LEU CA  C    sing N N 172 
LEU CA  CB   sing N N 173 
LEU CA  HA   sing N N 174 
LEU C   O    doub N N 175 
LEU C   OXT  sing N N 176 
LEU CB  CG   sing N N 177 
LEU CB  HB2  sing N N 178 
LEU CB  HB3  sing N N 179 
LEU CG  CD1  sing N N 180 
LEU CG  CD2  sing N N 181 
LEU CG  HG   sing N N 182 
LEU CD1 HD11 sing N N 183 
LEU CD1 HD12 sing N N 184 
LEU CD1 HD13 sing N N 185 
LEU CD2 HD21 sing N N 186 
LEU CD2 HD22 sing N N 187 
LEU CD2 HD23 sing N N 188 
LEU OXT HXT  sing N N 189 
LYS N   CA   sing N N 190 
LYS N   H    sing N N 191 
LYS N   H2   sing N N 192 
LYS CA  C    sing N N 193 
LYS CA  CB   sing N N 194 
LYS CA  HA   sing N N 195 
LYS C   O    doub N N 196 
LYS C   OXT  sing N N 197 
LYS CB  CG   sing N N 198 
LYS CB  HB2  sing N N 199 
LYS CB  HB3  sing N N 200 
LYS CG  CD   sing N N 201 
LYS CG  HG2  sing N N 202 
LYS CG  HG3  sing N N 203 
LYS CD  CE   sing N N 204 
LYS CD  HD2  sing N N 205 
LYS CD  HD3  sing N N 206 
LYS CE  NZ   sing N N 207 
LYS CE  HE2  sing N N 208 
LYS CE  HE3  sing N N 209 
LYS NZ  HZ1  sing N N 210 
LYS NZ  HZ2  sing N N 211 
LYS NZ  HZ3  sing N N 212 
LYS OXT HXT  sing N N 213 
MET N   CA   sing N N 214 
MET N   H    sing N N 215 
MET N   H2   sing N N 216 
MET CA  C    sing N N 217 
MET CA  CB   sing N N 218 
MET CA  HA   sing N N 219 
MET C   O    doub N N 220 
MET C   OXT  sing N N 221 
MET CB  CG   sing N N 222 
MET CB  HB2  sing N N 223 
MET CB  HB3  sing N N 224 
MET CG  SD   sing N N 225 
MET CG  HG2  sing N N 226 
MET CG  HG3  sing N N 227 
MET SD  CE   sing N N 228 
MET CE  HE1  sing N N 229 
MET CE  HE2  sing N N 230 
MET CE  HE3  sing N N 231 
MET OXT HXT  sing N N 232 
PRO N   CA   sing N N 233 
PRO N   CD   sing N N 234 
PRO N   H    sing N N 235 
PRO CA  C    sing N N 236 
PRO CA  CB   sing N N 237 
PRO CA  HA   sing N N 238 
PRO C   O    doub N N 239 
PRO C   OXT  sing N N 240 
PRO CB  CG   sing N N 241 
PRO CB  HB2  sing N N 242 
PRO CB  HB3  sing N N 243 
PRO CG  CD   sing N N 244 
PRO CG  HG2  sing N N 245 
PRO CG  HG3  sing N N 246 
PRO CD  HD2  sing N N 247 
PRO CD  HD3  sing N N 248 
PRO OXT HXT  sing N N 249 
SER N   CA   sing N N 250 
SER N   H    sing N N 251 
SER N   H2   sing N N 252 
SER CA  C    sing N N 253 
SER CA  CB   sing N N 254 
SER CA  HA   sing N N 255 
SER C   O    doub N N 256 
SER C   OXT  sing N N 257 
SER CB  OG   sing N N 258 
SER CB  HB2  sing N N 259 
SER CB  HB3  sing N N 260 
SER OG  HG   sing N N 261 
SER OXT HXT  sing N N 262 
THR N   CA   sing N N 263 
THR N   H    sing N N 264 
THR N   H2   sing N N 265 
THR CA  C    sing N N 266 
THR CA  CB   sing N N 267 
THR CA  HA   sing N N 268 
THR C   O    doub N N 269 
THR C   OXT  sing N N 270 
THR CB  OG1  sing N N 271 
THR CB  CG2  sing N N 272 
THR CB  HB   sing N N 273 
THR OG1 HG1  sing N N 274 
THR CG2 HG21 sing N N 275 
THR CG2 HG22 sing N N 276 
THR CG2 HG23 sing N N 277 
THR OXT HXT  sing N N 278 
TYR N   CA   sing N N 279 
TYR N   H    sing N N 280 
TYR N   H2   sing N N 281 
TYR CA  C    sing N N 282 
TYR CA  CB   sing N N 283 
TYR CA  HA   sing N N 284 
TYR C   O    doub N N 285 
TYR C   OXT  sing N N 286 
TYR CB  CG   sing N N 287 
TYR CB  HB2  sing N N 288 
TYR CB  HB3  sing N N 289 
TYR CG  CD1  doub Y N 290 
TYR CG  CD2  sing Y N 291 
TYR CD1 CE1  sing Y N 292 
TYR CD1 HD1  sing N N 293 
TYR CD2 CE2  doub Y N 294 
TYR CD2 HD2  sing N N 295 
TYR CE1 CZ   doub Y N 296 
TYR CE1 HE1  sing N N 297 
TYR CE2 CZ   sing Y N 298 
TYR CE2 HE2  sing N N 299 
TYR CZ  OH   sing N N 300 
TYR OH  HH   sing N N 301 
TYR OXT HXT  sing N N 302 
VAL N   CA   sing N N 303 
VAL N   H    sing N N 304 
VAL N   H2   sing N N 305 
VAL CA  C    sing N N 306 
VAL CA  CB   sing N N 307 
VAL CA  HA   sing N N 308 
VAL C   O    doub N N 309 
VAL C   OXT  sing N N 310 
VAL CB  CG1  sing N N 311 
VAL CB  CG2  sing N N 312 
VAL CB  HB   sing N N 313 
VAL CG1 HG11 sing N N 314 
VAL CG1 HG12 sing N N 315 
VAL CG1 HG13 sing N N 316 
VAL CG2 HG21 sing N N 317 
VAL CG2 HG22 sing N N 318 
VAL CG2 HG23 sing N N 319 
VAL OXT HXT  sing N N 320 
# 
loop_
_pdbx_entity_nonpoly.entity_id 
_pdbx_entity_nonpoly.name 
_pdbx_entity_nonpoly.comp_id 
2 'ZINC ION'     ZN  
3 1,2-ETHANEDIOL EDO 
4 water          HOH 
# 
_pdbx_initial_refinement_model.id               1 
_pdbx_initial_refinement_model.entity_id_list   ? 
_pdbx_initial_refinement_model.type             'experimental model' 
_pdbx_initial_refinement_model.source_name      PDB 
_pdbx_initial_refinement_model.accession_code   1UBI 
_pdbx_initial_refinement_model.details          'PDB ENTRY 1UBI WITH NON-CONSERVED RESIDUES TRUNCATED INTO ALANINE' 
# 
